data_8OR5
#
_entry.id   8OR5
#
_entity_poly.entity_id   1
_entity_poly.type   'polypeptide(L)'
_entity_poly.pdbx_seq_one_letter_code
;KKKLHFMYVAAAAFVLLFFVGCGVLLSKKK
;
_entity_poly.pdbx_strand_id   A
#
# COMPACT_ATOMS: atom_id res chain seq x y z
N LYS A 1 17.54 5.19 -9.24
CA LYS A 1 16.25 5.42 -9.97
C LYS A 1 15.59 4.09 -10.31
N LYS A 2 16.39 3.11 -10.71
CA LYS A 2 15.89 1.79 -11.06
C LYS A 2 15.11 1.17 -9.89
N LYS A 3 15.54 1.53 -8.68
CA LYS A 3 14.90 1.02 -7.47
C LYS A 3 13.45 1.52 -7.37
N LEU A 4 13.20 2.69 -7.94
CA LEU A 4 11.87 3.28 -7.93
C LEU A 4 10.98 2.60 -8.97
N HIS A 5 11.61 1.91 -9.92
CA HIS A 5 10.84 1.23 -10.97
C HIS A 5 10.43 -0.18 -10.56
N PHE A 6 11.41 -1.04 -10.28
CA PHE A 6 11.11 -2.42 -9.88
C PHE A 6 10.99 -2.60 -8.37
N MET A 7 12.09 -2.33 -7.66
CA MET A 7 12.11 -2.50 -6.20
C MET A 7 10.97 -1.74 -5.53
N TYR A 8 10.41 -0.76 -6.22
CA TYR A 8 9.31 0.04 -5.67
C TYR A 8 7.95 -0.60 -5.97
N VAL A 9 7.73 -0.96 -7.23
CA VAL A 9 6.46 -1.58 -7.62
C VAL A 9 6.20 -2.84 -6.80
N ALA A 10 7.26 -3.58 -6.50
CA ALA A 10 7.15 -4.79 -5.71
C ALA A 10 6.66 -4.46 -4.31
N ALA A 11 6.94 -3.24 -3.87
CA ALA A 11 6.52 -2.78 -2.55
C ALA A 11 5.04 -2.45 -2.54
N ALA A 12 4.62 -1.60 -3.47
CA ALA A 12 3.23 -1.19 -3.58
C ALA A 12 2.29 -2.39 -3.57
N ALA A 13 2.83 -3.56 -3.92
CA ALA A 13 2.06 -4.79 -3.95
C ALA A 13 1.90 -5.38 -2.55
N PHE A 14 2.99 -5.40 -1.79
CA PHE A 14 2.97 -5.93 -0.43
C PHE A 14 2.42 -4.91 0.56
N VAL A 15 2.99 -3.71 0.54
CA VAL A 15 2.56 -2.63 1.43
C VAL A 15 1.06 -2.41 1.34
N LEU A 16 0.46 -2.85 0.24
CA LEU A 16 -0.98 -2.69 0.03
C LEU A 16 -1.78 -3.28 1.19
N LEU A 17 -1.24 -4.30 1.83
CA LEU A 17 -1.91 -4.95 2.95
C LEU A 17 -2.16 -3.97 4.10
N PHE A 18 -1.34 -2.93 4.17
CA PHE A 18 -1.48 -1.91 5.22
C PHE A 18 -2.48 -0.84 4.82
N PHE A 19 -2.62 -0.63 3.52
CA PHE A 19 -3.55 0.38 3.01
C PHE A 19 -4.97 -0.16 2.94
N VAL A 20 -5.11 -1.48 2.85
CA VAL A 20 -6.42 -2.12 2.79
C VAL A 20 -7.03 -2.26 4.18
N GLY A 21 -6.16 -2.31 5.19
CA GLY A 21 -6.63 -2.43 6.56
C GLY A 21 -7.37 -1.19 7.03
N CYS A 22 -7.13 -0.08 6.36
CA CYS A 22 -7.77 1.18 6.71
C CYS A 22 -9.17 1.26 6.09
N GLY A 23 -9.41 0.43 5.09
CA GLY A 23 -10.71 0.41 4.43
C GLY A 23 -11.86 0.32 5.41
N VAL A 24 -11.71 -0.53 6.42
CA VAL A 24 -12.75 -0.71 7.43
C VAL A 24 -12.90 0.55 8.29
N LEU A 25 -11.80 1.27 8.46
CA LEU A 25 -11.81 2.49 9.26
C LEU A 25 -12.70 3.55 8.62
N LEU A 26 -12.63 3.67 7.30
CA LEU A 26 -13.43 4.64 6.57
C LEU A 26 -14.91 4.27 6.62
N SER A 27 -15.21 3.01 6.34
CA SER A 27 -16.59 2.53 6.36
C SER A 27 -17.18 2.63 7.76
N LYS A 28 -16.32 2.79 8.76
CA LYS A 28 -16.76 2.89 10.14
C LYS A 28 -17.09 4.34 10.50
N LYS A 29 -16.37 5.29 9.87
CA LYS A 29 -16.58 6.71 10.11
C LYS A 29 -18.02 7.10 9.82
N LYS A 30 -18.70 7.67 10.81
CA LYS A 30 -20.09 8.09 10.66
C LYS A 30 -20.37 9.33 11.49
N LYS A 1 16.77 6.02 -9.90
CA LYS A 1 15.37 5.73 -10.28
C LYS A 1 15.19 4.26 -10.68
N LYS A 2 16.28 3.50 -10.56
CA LYS A 2 16.25 2.08 -10.90
C LYS A 2 15.43 1.29 -9.88
N LYS A 3 15.47 1.73 -8.64
CA LYS A 3 14.73 1.07 -7.57
C LYS A 3 13.27 1.50 -7.57
N LEU A 4 13.03 2.76 -7.93
CA LEU A 4 11.69 3.31 -7.97
C LEU A 4 10.84 2.56 -9.02
N HIS A 5 11.51 1.89 -9.95
CA HIS A 5 10.80 1.17 -11.00
C HIS A 5 10.39 -0.23 -10.55
N PHE A 6 11.37 -1.08 -10.23
CA PHE A 6 11.08 -2.44 -9.79
C PHE A 6 10.98 -2.56 -8.27
N MET A 7 12.09 -2.26 -7.60
CA MET A 7 12.15 -2.36 -6.14
C MET A 7 10.97 -1.66 -5.47
N TYR A 8 10.39 -0.68 -6.15
CA TYR A 8 9.27 0.07 -5.62
C TYR A 8 7.93 -0.61 -5.91
N VAL A 9 7.72 -1.00 -7.18
CA VAL A 9 6.47 -1.66 -7.56
C VAL A 9 6.26 -2.92 -6.73
N ALA A 10 7.34 -3.64 -6.47
CA ALA A 10 7.28 -4.86 -5.68
C ALA A 10 6.82 -4.54 -4.26
N ALA A 11 7.05 -3.29 -3.86
CA ALA A 11 6.66 -2.82 -2.53
C ALA A 11 5.17 -2.47 -2.51
N ALA A 12 4.78 -1.58 -3.40
CA ALA A 12 3.39 -1.14 -3.49
C ALA A 12 2.43 -2.33 -3.52
N ALA A 13 2.94 -3.48 -3.91
CA ALA A 13 2.12 -4.69 -3.98
C ALA A 13 1.92 -5.31 -2.60
N PHE A 14 3.01 -5.42 -1.84
CA PHE A 14 2.95 -5.99 -0.49
C PHE A 14 2.45 -4.96 0.53
N VAL A 15 3.07 -3.78 0.52
CA VAL A 15 2.71 -2.71 1.44
C VAL A 15 1.21 -2.39 1.34
N LEU A 16 0.61 -2.78 0.22
CA LEU A 16 -0.82 -2.54 -0.01
C LEU A 16 -1.67 -3.10 1.14
N LEU A 17 -1.19 -4.16 1.76
CA LEU A 17 -1.90 -4.79 2.87
C LEU A 17 -2.11 -3.84 4.03
N PHE A 18 -1.24 -2.83 4.14
CA PHE A 18 -1.33 -1.85 5.22
C PHE A 18 -2.27 -0.71 4.85
N PHE A 19 -2.39 -0.42 3.55
CA PHE A 19 -3.24 0.66 3.08
C PHE A 19 -4.69 0.20 2.92
N VAL A 20 -4.89 -1.11 2.76
CA VAL A 20 -6.23 -1.67 2.61
C VAL A 20 -6.95 -1.81 3.95
N GLY A 21 -6.18 -2.07 5.00
CA GLY A 21 -6.77 -2.23 6.31
C GLY A 21 -6.95 -0.91 7.05
N CYS A 22 -5.90 -0.12 7.09
CA CYS A 22 -5.93 1.18 7.76
C CYS A 22 -6.87 2.15 7.06
N GLY A 23 -7.18 1.87 5.81
CA GLY A 23 -8.06 2.74 5.04
C GLY A 23 -9.39 2.98 5.72
N VAL A 24 -10.05 1.90 6.14
CA VAL A 24 -11.35 2.00 6.80
C VAL A 24 -11.26 2.82 8.08
N LEU A 25 -10.37 2.40 8.98
CA LEU A 25 -10.20 3.08 10.26
C LEU A 25 -9.79 4.55 10.07
N LEU A 26 -9.11 4.82 8.96
CA LEU A 26 -8.66 6.18 8.67
C LEU A 26 -9.81 7.05 8.17
N SER A 27 -10.88 6.41 7.72
CA SER A 27 -12.04 7.14 7.21
C SER A 27 -13.00 7.52 8.34
N LYS A 28 -12.81 6.92 9.51
CA LYS A 28 -13.66 7.19 10.66
C LYS A 28 -12.94 8.11 11.66
N LYS A 29 -11.74 8.54 11.30
CA LYS A 29 -10.95 9.42 12.16
C LYS A 29 -10.60 10.70 11.44
N LYS A 30 -11.46 11.11 10.51
CA LYS A 30 -11.24 12.32 9.73
C LYS A 30 -11.71 13.55 10.49
N LYS A 1 17.26 5.55 -7.99
CA LYS A 1 16.09 5.82 -8.86
C LYS A 1 15.57 4.53 -9.50
N LYS A 2 16.48 3.58 -9.71
CA LYS A 2 16.12 2.30 -10.32
C LYS A 2 15.23 1.50 -9.37
N LYS A 3 15.37 1.77 -8.07
CA LYS A 3 14.59 1.08 -7.06
C LYS A 3 13.13 1.54 -7.08
N LEU A 4 12.92 2.76 -7.59
CA LEU A 4 11.57 3.32 -7.67
C LEU A 4 10.78 2.65 -8.78
N HIS A 5 11.49 2.01 -9.72
CA HIS A 5 10.83 1.34 -10.83
C HIS A 5 10.45 -0.10 -10.49
N PHE A 6 11.46 -0.93 -10.20
CA PHE A 6 11.20 -2.33 -9.87
C PHE A 6 11.05 -2.57 -8.37
N MET A 7 12.09 -2.28 -7.61
CA MET A 7 12.08 -2.48 -6.16
C MET A 7 10.86 -1.83 -5.51
N TYR A 8 10.28 -0.84 -6.20
CA TYR A 8 9.13 -0.13 -5.68
C TYR A 8 7.81 -0.81 -6.06
N VAL A 9 7.66 -1.18 -7.33
CA VAL A 9 6.44 -1.83 -7.78
C VAL A 9 6.18 -3.11 -6.98
N ALA A 10 7.26 -3.80 -6.63
CA ALA A 10 7.16 -5.03 -5.85
C ALA A 10 6.74 -4.71 -4.42
N ALA A 11 6.97 -3.45 -4.03
CA ALA A 11 6.61 -2.99 -2.69
C ALA A 11 5.14 -2.60 -2.63
N ALA A 12 4.74 -1.71 -3.53
CA ALA A 12 3.36 -1.24 -3.58
C ALA A 12 2.37 -2.41 -3.54
N ALA A 13 2.85 -3.59 -3.95
CA ALA A 13 2.02 -4.78 -3.95
C ALA A 13 1.87 -5.36 -2.55
N PHE A 14 2.97 -5.42 -1.81
CA PHE A 14 2.97 -5.93 -0.44
C PHE A 14 2.48 -4.87 0.54
N VAL A 15 3.15 -3.71 0.53
CA VAL A 15 2.79 -2.62 1.43
C VAL A 15 1.31 -2.29 1.37
N LEU A 16 0.66 -2.69 0.28
CA LEU A 16 -0.77 -2.44 0.09
C LEU A 16 -1.59 -2.91 1.29
N LEU A 17 -1.15 -4.02 1.90
CA LEU A 17 -1.87 -4.59 3.04
C LEU A 17 -1.97 -3.59 4.20
N PHE A 18 -1.07 -2.62 4.25
CA PHE A 18 -1.08 -1.63 5.31
C PHE A 18 -1.99 -0.44 4.96
N PHE A 19 -1.92 0.01 3.72
CA PHE A 19 -2.73 1.15 3.27
C PHE A 19 -4.21 0.78 3.18
N VAL A 20 -4.50 -0.50 2.96
CA VAL A 20 -5.88 -0.96 2.85
C VAL A 20 -6.55 -0.98 4.23
N GLY A 21 -5.74 -1.01 5.28
CA GLY A 21 -6.27 -1.04 6.62
C GLY A 21 -6.63 0.34 7.14
N CYS A 22 -5.73 1.30 6.94
CA CYS A 22 -5.95 2.67 7.38
C CYS A 22 -6.98 3.36 6.50
N GLY A 23 -7.21 2.82 5.31
CA GLY A 23 -8.17 3.40 4.40
C GLY A 23 -9.58 3.42 4.97
N VAL A 24 -9.89 2.42 5.79
CA VAL A 24 -11.20 2.33 6.41
C VAL A 24 -11.25 3.16 7.70
N LEU A 25 -10.09 3.43 8.26
CA LEU A 25 -9.99 4.21 9.49
C LEU A 25 -10.73 5.54 9.37
N LEU A 26 -10.76 6.09 8.16
CA LEU A 26 -11.43 7.37 7.91
C LEU A 26 -12.94 7.19 7.93
N SER A 27 -13.40 6.01 7.57
CA SER A 27 -14.83 5.71 7.56
C SER A 27 -15.32 5.26 8.93
N LYS A 28 -14.39 5.11 9.87
CA LYS A 28 -14.73 4.67 11.21
C LYS A 28 -14.73 5.83 12.20
N LYS A 29 -13.94 6.86 11.92
CA LYS A 29 -13.87 8.03 12.79
C LYS A 29 -15.21 8.77 12.83
N LYS A 30 -15.54 9.31 14.00
CA LYS A 30 -16.80 10.03 14.18
C LYS A 30 -17.99 9.16 13.85
N LYS A 1 17.01 5.55 -11.19
CA LYS A 1 15.55 5.38 -11.36
C LYS A 1 15.19 3.92 -11.57
N LYS A 2 16.21 3.08 -11.74
CA LYS A 2 16.00 1.65 -11.95
C LYS A 2 15.40 1.01 -10.70
N LYS A 3 15.80 1.50 -9.54
CA LYS A 3 15.30 0.97 -8.27
C LYS A 3 13.81 1.28 -8.10
N LEU A 4 13.45 2.54 -8.30
CA LEU A 4 12.06 2.98 -8.18
C LEU A 4 11.18 2.20 -9.15
N HIS A 5 11.78 1.65 -10.20
CA HIS A 5 11.02 0.90 -11.18
C HIS A 5 10.53 -0.43 -10.61
N PHE A 6 11.45 -1.30 -10.22
CA PHE A 6 11.09 -2.60 -9.68
C PHE A 6 10.96 -2.60 -8.15
N MET A 7 12.05 -2.27 -7.47
CA MET A 7 12.08 -2.24 -6.01
C MET A 7 10.87 -1.53 -5.40
N TYR A 8 10.32 -0.57 -6.13
CA TYR A 8 9.17 0.18 -5.63
C TYR A 8 7.84 -0.50 -5.96
N VAL A 9 7.65 -0.90 -7.21
CA VAL A 9 6.41 -1.55 -7.62
C VAL A 9 6.15 -2.77 -6.74
N ALA A 10 7.21 -3.46 -6.36
CA ALA A 10 7.10 -4.64 -5.51
C ALA A 10 6.62 -4.23 -4.12
N ALA A 11 6.91 -2.99 -3.74
CA ALA A 11 6.51 -2.47 -2.44
C ALA A 11 5.02 -2.15 -2.41
N ALA A 12 4.60 -1.23 -3.27
CA ALA A 12 3.21 -0.82 -3.33
C ALA A 12 2.25 -2.00 -3.37
N ALA A 13 2.75 -3.16 -3.78
CA ALA A 13 1.94 -4.37 -3.86
C ALA A 13 1.84 -5.06 -2.50
N PHE A 14 2.98 -5.22 -1.83
CA PHE A 14 3.03 -5.87 -0.53
C PHE A 14 2.52 -4.93 0.56
N VAL A 15 3.06 -3.71 0.59
CA VAL A 15 2.66 -2.72 1.57
C VAL A 15 1.15 -2.48 1.54
N LEU A 16 0.54 -2.80 0.40
CA LEU A 16 -0.90 -2.62 0.23
C LEU A 16 -1.70 -3.40 1.28
N LEU A 17 -1.11 -4.47 1.78
CA LEU A 17 -1.77 -5.31 2.78
C LEU A 17 -2.03 -4.52 4.07
N PHE A 18 -1.23 -3.49 4.31
CA PHE A 18 -1.38 -2.67 5.50
C PHE A 18 -2.40 -1.55 5.29
N PHE A 19 -2.49 -1.08 4.05
CA PHE A 19 -3.43 0.00 3.71
C PHE A 19 -4.85 -0.53 3.58
N VAL A 20 -4.99 -1.76 3.11
CA VAL A 20 -6.31 -2.37 2.94
C VAL A 20 -6.98 -2.64 4.28
N GLY A 21 -6.16 -2.82 5.32
CA GLY A 21 -6.70 -3.08 6.64
C GLY A 21 -7.43 -1.87 7.21
N CYS A 22 -6.86 -0.69 7.01
CA CYS A 22 -7.46 0.54 7.51
C CYS A 22 -8.52 1.05 6.52
N GLY A 23 -8.42 0.60 5.28
CA GLY A 23 -9.38 1.02 4.26
C GLY A 23 -10.76 0.45 4.51
N VAL A 24 -10.83 -0.82 4.88
CA VAL A 24 -12.10 -1.49 5.13
C VAL A 24 -12.75 -0.93 6.39
N LEU A 25 -11.92 -0.38 7.29
CA LEU A 25 -12.43 0.18 8.54
C LEU A 25 -13.42 1.30 8.27
N LEU A 26 -13.04 2.25 7.42
CA LEU A 26 -13.89 3.37 7.08
C LEU A 26 -15.17 2.90 6.39
N SER A 27 -15.08 1.78 5.68
CA SER A 27 -16.23 1.22 4.98
C SER A 27 -17.27 0.70 5.97
N LYS A 28 -16.85 0.56 7.23
CA LYS A 28 -17.74 0.06 8.28
C LYS A 28 -18.23 1.21 9.15
N LYS A 29 -17.29 2.06 9.58
CA LYS A 29 -17.63 3.20 10.43
C LYS A 29 -18.18 4.34 9.59
N LYS A 30 -18.93 5.23 10.24
CA LYS A 30 -19.52 6.38 9.55
C LYS A 30 -18.67 7.63 9.75
N LYS A 1 17.02 5.60 -9.21
CA LYS A 1 16.05 5.62 -10.34
C LYS A 1 15.69 4.21 -10.78
N LYS A 2 16.64 3.29 -10.66
CA LYS A 2 16.42 1.90 -11.05
C LYS A 2 15.64 1.14 -9.97
N LYS A 3 15.88 1.49 -8.71
CA LYS A 3 15.19 0.84 -7.59
C LYS A 3 13.72 1.23 -7.57
N LEU A 4 13.45 2.53 -7.64
CA LEU A 4 12.08 3.03 -7.64
C LEU A 4 11.28 2.40 -8.77
N HIS A 5 11.97 1.87 -9.77
CA HIS A 5 11.30 1.26 -10.90
C HIS A 5 10.74 -0.11 -10.54
N PHE A 6 11.62 -1.04 -10.17
CA PHE A 6 11.20 -2.39 -9.80
C PHE A 6 10.95 -2.53 -8.31
N MET A 7 11.98 -2.26 -7.51
CA MET A 7 11.89 -2.37 -6.05
C MET A 7 10.64 -1.71 -5.49
N TYR A 8 10.14 -0.70 -6.19
CA TYR A 8 8.96 0.03 -5.72
C TYR A 8 7.65 -0.62 -6.19
N VAL A 9 7.55 -0.92 -7.49
CA VAL A 9 6.34 -1.55 -8.02
C VAL A 9 6.02 -2.82 -7.25
N ALA A 10 7.06 -3.53 -6.83
CA ALA A 10 6.90 -4.76 -6.07
C ALA A 10 6.48 -4.43 -4.65
N ALA A 11 6.84 -3.22 -4.21
CA ALA A 11 6.49 -2.76 -2.87
C ALA A 11 5.01 -2.44 -2.77
N ALA A 12 4.53 -1.61 -3.69
CA ALA A 12 3.14 -1.21 -3.71
C ALA A 12 2.22 -2.42 -3.63
N ALA A 13 2.74 -3.58 -4.01
CA ALA A 13 1.99 -4.82 -3.98
C ALA A 13 1.88 -5.38 -2.56
N PHE A 14 3.00 -5.41 -1.86
CA PHE A 14 3.04 -5.94 -0.49
C PHE A 14 2.55 -4.89 0.51
N VAL A 15 3.13 -3.69 0.43
CA VAL A 15 2.76 -2.60 1.32
C VAL A 15 1.26 -2.36 1.34
N LEU A 16 0.57 -2.80 0.28
CA LEU A 16 -0.88 -2.64 0.18
C LEU A 16 -1.60 -3.26 1.38
N LEU A 17 -0.96 -4.26 1.99
CA LEU A 17 -1.54 -4.94 3.14
C LEU A 17 -1.74 -3.99 4.31
N PHE A 18 -0.95 -2.92 4.35
CA PHE A 18 -1.04 -1.94 5.42
C PHE A 18 -2.09 -0.87 5.11
N PHE A 19 -2.28 -0.61 3.83
CA PHE A 19 -3.25 0.40 3.39
C PHE A 19 -4.67 -0.15 3.34
N VAL A 20 -4.78 -1.46 3.10
CA VAL A 20 -6.10 -2.09 3.04
C VAL A 20 -6.76 -2.11 4.40
N GLY A 21 -5.95 -2.25 5.44
CA GLY A 21 -6.48 -2.27 6.80
C GLY A 21 -6.78 -0.88 7.31
N CYS A 22 -6.13 0.12 6.71
CA CYS A 22 -6.34 1.51 7.10
C CYS A 22 -7.58 2.09 6.42
N GLY A 23 -7.80 1.68 5.17
CA GLY A 23 -8.95 2.16 4.42
C GLY A 23 -10.26 1.91 5.14
N VAL A 24 -10.42 0.69 5.67
CA VAL A 24 -11.62 0.32 6.39
C VAL A 24 -11.77 1.14 7.68
N LEU A 25 -10.63 1.54 8.23
CA LEU A 25 -10.62 2.33 9.46
C LEU A 25 -11.21 3.72 9.23
N LEU A 26 -10.96 4.27 8.04
CA LEU A 26 -11.46 5.60 7.69
C LEU A 26 -12.97 5.55 7.41
N SER A 27 -13.43 4.39 6.95
CA SER A 27 -14.84 4.21 6.64
C SER A 27 -15.68 4.24 7.92
N LYS A 28 -15.08 3.80 9.02
CA LYS A 28 -15.76 3.78 10.30
C LYS A 28 -15.46 5.05 11.10
N LYS A 29 -14.36 5.72 10.74
CA LYS A 29 -13.96 6.95 11.41
C LYS A 29 -14.72 8.15 10.85
N LYS A 30 -15.35 8.91 11.74
CA LYS A 30 -16.12 10.09 11.34
C LYS A 30 -16.11 11.15 12.44
N LYS A 1 16.88 6.10 -7.89
CA LYS A 1 15.76 6.20 -8.86
C LYS A 1 15.60 4.89 -9.63
N LYS A 2 16.61 4.03 -9.54
CA LYS A 2 16.59 2.74 -10.22
C LYS A 2 15.68 1.75 -9.49
N LYS A 3 15.59 1.91 -8.16
CA LYS A 3 14.76 1.04 -7.34
C LYS A 3 13.30 1.50 -7.36
N LEU A 4 13.08 2.75 -7.72
CA LEU A 4 11.74 3.32 -7.77
C LEU A 4 10.92 2.64 -8.87
N HIS A 5 11.60 1.99 -9.80
CA HIS A 5 10.90 1.32 -10.89
C HIS A 5 10.48 -0.10 -10.54
N PHE A 6 11.45 -0.97 -10.26
CA PHE A 6 11.16 -2.36 -9.91
C PHE A 6 11.01 -2.57 -8.41
N MET A 7 12.08 -2.32 -7.67
CA MET A 7 12.08 -2.52 -6.23
C MET A 7 10.89 -1.81 -5.56
N TYR A 8 10.34 -0.81 -6.22
CA TYR A 8 9.22 -0.06 -5.69
C TYR A 8 7.88 -0.71 -6.05
N VAL A 9 7.70 -1.07 -7.33
CA VAL A 9 6.45 -1.70 -7.76
C VAL A 9 6.18 -2.97 -6.97
N ALA A 10 7.23 -3.72 -6.67
CA ALA A 10 7.11 -4.95 -5.91
C ALA A 10 6.68 -4.64 -4.48
N ALA A 11 6.94 -3.41 -4.05
CA ALA A 11 6.58 -2.96 -2.70
C ALA A 11 5.11 -2.61 -2.64
N ALA A 12 4.67 -1.71 -3.53
CA ALA A 12 3.28 -1.28 -3.58
C ALA A 12 2.32 -2.48 -3.54
N ALA A 13 2.83 -3.64 -3.94
CA ALA A 13 2.04 -4.85 -3.95
C ALA A 13 1.87 -5.41 -2.54
N PHE A 14 2.97 -5.47 -1.79
CA PHE A 14 2.94 -5.99 -0.42
C PHE A 14 2.46 -4.92 0.56
N VAL A 15 3.10 -3.76 0.52
CA VAL A 15 2.75 -2.66 1.42
C VAL A 15 1.25 -2.35 1.36
N LEU A 16 0.61 -2.75 0.27
CA LEU A 16 -0.83 -2.50 0.09
C LEU A 16 -1.65 -3.04 1.25
N LEU A 17 -1.18 -4.12 1.87
CA LEU A 17 -1.87 -4.75 2.99
C LEU A 17 -2.09 -3.76 4.12
N PHE A 18 -1.23 -2.74 4.21
CA PHE A 18 -1.34 -1.74 5.27
C PHE A 18 -2.28 -0.61 4.86
N PHE A 19 -2.39 -0.36 3.57
CA PHE A 19 -3.26 0.69 3.05
C PHE A 19 -4.71 0.23 2.93
N VAL A 20 -4.90 -1.08 2.80
CA VAL A 20 -6.23 -1.64 2.67
C VAL A 20 -6.95 -1.70 4.02
N GLY A 21 -6.17 -1.64 5.10
CA GLY A 21 -6.75 -1.68 6.42
C GLY A 21 -7.49 -0.41 6.78
N CYS A 22 -6.89 0.72 6.45
CA CYS A 22 -7.50 2.03 6.73
C CYS A 22 -8.50 2.41 5.65
N GLY A 23 -8.38 1.78 4.49
CA GLY A 23 -9.28 2.07 3.38
C GLY A 23 -10.74 1.89 3.74
N VAL A 24 -11.04 0.88 4.56
CA VAL A 24 -12.41 0.62 4.97
C VAL A 24 -12.94 1.72 5.90
N LEU A 25 -12.03 2.32 6.67
CA LEU A 25 -12.40 3.38 7.60
C LEU A 25 -12.98 4.59 6.86
N LEU A 26 -12.32 4.98 5.77
CA LEU A 26 -12.76 6.12 4.98
C LEU A 26 -14.11 5.84 4.33
N SER A 27 -14.42 4.56 4.14
CA SER A 27 -15.67 4.15 3.53
C SER A 27 -16.77 4.03 4.58
N LYS A 28 -16.37 4.05 5.85
CA LYS A 28 -17.32 3.94 6.96
C LYS A 28 -17.60 5.32 7.57
N LYS A 29 -16.64 6.23 7.43
CA LYS A 29 -16.78 7.58 7.98
C LYS A 29 -17.62 8.45 7.05
N LYS A 30 -17.40 8.32 5.76
CA LYS A 30 -18.14 9.10 4.77
C LYS A 30 -18.63 8.22 3.62
N LYS A 1 16.62 6.11 -8.29
CA LYS A 1 15.63 6.38 -9.36
C LYS A 1 15.29 5.11 -10.13
N LYS A 2 16.29 4.24 -10.30
CA LYS A 2 16.08 2.98 -11.01
C LYS A 2 15.34 1.98 -10.14
N LYS A 3 15.52 2.07 -8.83
CA LYS A 3 14.86 1.18 -7.89
C LYS A 3 13.38 1.52 -7.79
N LEU A 4 13.05 2.77 -8.09
CA LEU A 4 11.67 3.24 -8.04
C LEU A 4 10.82 2.48 -9.06
N HIS A 5 11.49 1.86 -10.04
CA HIS A 5 10.78 1.13 -11.07
C HIS A 5 10.38 -0.28 -10.60
N PHE A 6 11.36 -1.11 -10.28
CA PHE A 6 11.09 -2.47 -9.83
C PHE A 6 10.98 -2.59 -8.30
N MET A 7 12.07 -2.26 -7.61
CA MET A 7 12.11 -2.35 -6.15
C MET A 7 10.92 -1.67 -5.51
N TYR A 8 10.33 -0.69 -6.19
CA TYR A 8 9.20 0.05 -5.65
C TYR A 8 7.87 -0.64 -5.96
N VAL A 9 7.65 -1.02 -7.22
CA VAL A 9 6.41 -1.69 -7.61
C VAL A 9 6.18 -2.94 -6.76
N ALA A 10 7.24 -3.67 -6.49
CA ALA A 10 7.15 -4.88 -5.67
C ALA A 10 6.69 -4.52 -4.26
N ALA A 11 6.97 -3.27 -3.86
CA ALA A 11 6.58 -2.79 -2.55
C ALA A 11 5.12 -2.37 -2.52
N ALA A 12 4.77 -1.40 -3.35
CA ALA A 12 3.40 -0.89 -3.43
C ALA A 12 2.38 -2.03 -3.50
N ALA A 13 2.82 -3.20 -3.94
CA ALA A 13 1.95 -4.36 -4.06
C ALA A 13 1.79 -5.06 -2.71
N PHE A 14 2.89 -5.23 -2.00
CA PHE A 14 2.88 -5.90 -0.70
C PHE A 14 2.44 -4.94 0.40
N VAL A 15 3.10 -3.78 0.47
CA VAL A 15 2.79 -2.76 1.46
C VAL A 15 1.31 -2.41 1.44
N LEU A 16 0.66 -2.63 0.30
CA LEU A 16 -0.76 -2.32 0.15
C LEU A 16 -1.60 -3.05 1.19
N LEU A 17 -1.12 -4.21 1.62
CA LEU A 17 -1.82 -5.01 2.61
C LEU A 17 -2.02 -4.24 3.92
N PHE A 18 -1.14 -3.26 4.16
CA PHE A 18 -1.23 -2.46 5.37
C PHE A 18 -2.17 -1.26 5.17
N PHE A 19 -2.22 -0.76 3.94
CA PHE A 19 -3.07 0.39 3.63
C PHE A 19 -4.53 -0.03 3.45
N VAL A 20 -4.74 -1.30 3.10
CA VAL A 20 -6.08 -1.82 2.91
C VAL A 20 -6.74 -2.17 4.24
N GLY A 21 -5.91 -2.35 5.26
CA GLY A 21 -6.42 -2.68 6.58
C GLY A 21 -7.00 -1.49 7.29
N CYS A 22 -6.52 -0.29 6.94
CA CYS A 22 -7.01 0.93 7.56
C CYS A 22 -8.48 1.17 7.22
N GLY A 23 -8.91 0.64 6.08
CA GLY A 23 -10.29 0.81 5.65
C GLY A 23 -11.27 0.00 6.49
N VAL A 24 -10.96 -1.27 6.70
CA VAL A 24 -11.82 -2.15 7.49
C VAL A 24 -11.84 -1.74 8.95
N LEU A 25 -10.73 -1.15 9.41
CA LEU A 25 -10.62 -0.72 10.80
C LEU A 25 -11.59 0.42 11.10
N LEU A 26 -11.68 1.37 10.17
CA LEU A 26 -12.57 2.52 10.34
C LEU A 26 -14.02 2.07 10.48
N SER A 27 -14.33 0.90 9.92
CA SER A 27 -15.68 0.35 9.97
C SER A 27 -15.90 -0.44 11.26
N LYS A 28 -14.82 -0.95 11.83
CA LYS A 28 -14.88 -1.73 13.06
C LYS A 28 -15.01 -0.83 14.28
N LYS A 29 -14.32 0.31 14.25
CA LYS A 29 -14.35 1.25 15.36
C LYS A 29 -15.68 1.99 15.41
N LYS A 30 -16.13 2.32 16.62
CA LYS A 30 -17.39 3.02 16.80
C LYS A 30 -17.51 3.58 18.22
N LYS A 1 15.26 6.12 -9.40
CA LYS A 1 14.70 5.89 -10.77
C LYS A 1 14.78 4.40 -11.13
N LYS A 2 15.99 3.87 -11.18
CA LYS A 2 16.19 2.47 -11.52
C LYS A 2 15.57 1.56 -10.47
N LYS A 3 15.82 1.87 -9.21
CA LYS A 3 15.27 1.09 -8.10
C LYS A 3 13.78 1.33 -7.96
N LEU A 4 13.38 2.60 -8.06
CA LEU A 4 11.97 2.97 -7.94
C LEU A 4 11.13 2.23 -8.98
N HIS A 5 11.77 1.77 -10.04
CA HIS A 5 11.05 1.06 -11.09
C HIS A 5 10.59 -0.32 -10.62
N PHE A 6 11.53 -1.19 -10.25
CA PHE A 6 11.20 -2.53 -9.80
C PHE A 6 11.03 -2.62 -8.28
N MET A 7 12.06 -2.21 -7.54
CA MET A 7 12.05 -2.28 -6.08
C MET A 7 10.80 -1.63 -5.47
N TYR A 8 10.25 -0.63 -6.14
CA TYR A 8 9.08 0.07 -5.62
C TYR A 8 7.77 -0.62 -6.02
N VAL A 9 7.63 -0.97 -7.30
CA VAL A 9 6.42 -1.62 -7.77
C VAL A 9 6.14 -2.89 -6.96
N ALA A 10 7.21 -3.54 -6.52
CA ALA A 10 7.09 -4.74 -5.71
C ALA A 10 6.62 -4.40 -4.30
N ALA A 11 6.91 -3.16 -3.89
CA ALA A 11 6.52 -2.68 -2.58
C ALA A 11 5.03 -2.36 -2.53
N ALA A 12 4.59 -1.47 -3.42
CA ALA A 12 3.18 -1.08 -3.49
C ALA A 12 2.25 -2.29 -3.47
N ALA A 13 2.78 -3.44 -3.85
CA ALA A 13 2.00 -4.67 -3.87
C ALA A 13 1.87 -5.28 -2.48
N PHE A 14 2.98 -5.33 -1.75
CA PHE A 14 3.00 -5.89 -0.40
C PHE A 14 2.48 -4.88 0.62
N VAL A 15 3.06 -3.68 0.60
CA VAL A 15 2.68 -2.62 1.52
C VAL A 15 1.17 -2.37 1.48
N LEU A 16 0.55 -2.73 0.36
CA LEU A 16 -0.89 -2.55 0.18
C LEU A 16 -1.68 -3.23 1.29
N LEU A 17 -1.16 -4.34 1.80
CA LEU A 17 -1.81 -5.09 2.87
C LEU A 17 -2.03 -4.24 4.11
N PHE A 18 -1.22 -3.20 4.28
CA PHE A 18 -1.33 -2.32 5.43
C PHE A 18 -2.32 -1.19 5.17
N PHE A 19 -2.37 -0.71 3.93
CA PHE A 19 -3.27 0.37 3.55
C PHE A 19 -4.72 -0.11 3.45
N VAL A 20 -4.90 -1.39 3.11
CA VAL A 20 -6.23 -1.96 2.98
C VAL A 20 -6.91 -2.10 4.34
N GLY A 21 -6.10 -2.28 5.38
CA GLY A 21 -6.63 -2.42 6.72
C GLY A 21 -6.87 -1.09 7.39
N CYS A 22 -6.19 -0.05 6.91
CA CYS A 22 -6.33 1.29 7.47
C CYS A 22 -7.59 1.96 6.94
N GLY A 23 -8.02 1.57 5.74
CA GLY A 23 -9.20 2.16 5.14
C GLY A 23 -10.43 2.01 6.01
N VAL A 24 -10.55 0.86 6.67
CA VAL A 24 -11.70 0.61 7.55
C VAL A 24 -11.46 1.22 8.92
N LEU A 25 -10.19 1.43 9.27
CA LEU A 25 -9.84 1.99 10.56
C LEU A 25 -10.43 3.40 10.73
N LEU A 26 -10.46 4.15 9.62
CA LEU A 26 -11.00 5.51 9.64
C LEU A 26 -12.51 5.49 9.91
N SER A 27 -13.19 4.48 9.39
CA SER A 27 -14.63 4.34 9.56
C SER A 27 -14.96 3.83 10.96
N LYS A 28 -13.93 3.50 11.73
CA LYS A 28 -14.12 3.00 13.09
C LYS A 28 -13.84 4.09 14.12
N LYS A 29 -12.81 4.88 13.85
CA LYS A 29 -12.44 5.96 14.76
C LYS A 29 -13.40 7.14 14.63
N LYS A 30 -13.13 8.21 15.38
CA LYS A 30 -13.98 9.40 15.34
C LYS A 30 -13.51 10.37 14.26
N LYS A 1 16.64 5.32 -11.12
CA LYS A 1 15.20 5.04 -11.43
C LYS A 1 14.94 3.54 -11.45
N LYS A 2 16.02 2.76 -11.57
CA LYS A 2 15.92 1.30 -11.61
C LYS A 2 15.25 0.77 -10.34
N LYS A 3 15.53 1.43 -9.21
CA LYS A 3 14.98 1.03 -7.93
C LYS A 3 13.48 1.34 -7.87
N LEU A 4 13.15 2.62 -8.01
CA LEU A 4 11.75 3.06 -7.96
C LEU A 4 10.92 2.32 -9.00
N HIS A 5 11.58 1.80 -10.04
CA HIS A 5 10.86 1.09 -11.09
C HIS A 5 10.44 -0.29 -10.63
N PHE A 6 11.41 -1.14 -10.31
CA PHE A 6 11.12 -2.51 -9.86
C PHE A 6 11.02 -2.62 -8.33
N MET A 7 12.06 -2.18 -7.64
CA MET A 7 12.12 -2.25 -6.18
C MET A 7 10.89 -1.62 -5.51
N TYR A 8 10.32 -0.60 -6.15
CA TYR A 8 9.18 0.09 -5.57
C TYR A 8 7.85 -0.58 -5.93
N VAL A 9 7.67 -0.93 -7.21
CA VAL A 9 6.44 -1.59 -7.63
C VAL A 9 6.19 -2.86 -6.82
N ALA A 10 7.28 -3.54 -6.45
CA ALA A 10 7.19 -4.75 -5.65
C ALA A 10 6.69 -4.41 -4.25
N ALA A 11 6.99 -3.20 -3.80
CA ALA A 11 6.57 -2.73 -2.49
C ALA A 11 5.08 -2.41 -2.48
N ALA A 12 4.66 -1.55 -3.40
CA ALA A 12 3.26 -1.15 -3.51
C ALA A 12 2.33 -2.36 -3.49
N ALA A 13 2.87 -3.52 -3.85
CA ALA A 13 2.09 -4.75 -3.88
C ALA A 13 1.94 -5.34 -2.48
N PHE A 14 3.03 -5.35 -1.72
CA PHE A 14 3.02 -5.89 -0.36
C PHE A 14 2.46 -4.88 0.62
N VAL A 15 3.01 -3.66 0.60
CA VAL A 15 2.57 -2.60 1.49
C VAL A 15 1.06 -2.37 1.38
N LEU A 16 0.48 -2.80 0.26
CA LEU A 16 -0.95 -2.65 0.01
C LEU A 16 -1.77 -3.24 1.15
N LEU A 17 -1.26 -4.30 1.77
CA LEU A 17 -1.97 -4.96 2.87
C LEU A 17 -2.25 -3.99 4.01
N PHE A 18 -1.45 -2.94 4.11
CA PHE A 18 -1.62 -1.94 5.17
C PHE A 18 -2.62 -0.87 4.76
N PHE A 19 -2.62 -0.52 3.47
CA PHE A 19 -3.51 0.52 2.96
C PHE A 19 -4.95 0.01 2.85
N VAL A 20 -5.10 -1.29 2.58
CA VAL A 20 -6.42 -1.89 2.46
C VAL A 20 -7.12 -1.96 3.81
N GLY A 21 -6.33 -2.06 4.88
CA GLY A 21 -6.90 -2.12 6.21
C GLY A 21 -7.15 -0.75 6.80
N CYS A 22 -6.45 0.26 6.27
CA CYS A 22 -6.60 1.64 6.74
C CYS A 22 -7.82 2.30 6.11
N GLY A 23 -8.22 1.80 4.94
CA GLY A 23 -9.37 2.35 4.26
C GLY A 23 -10.66 2.16 5.04
N VAL A 24 -10.77 1.04 5.73
CA VAL A 24 -11.96 0.74 6.52
C VAL A 24 -11.89 1.39 7.90
N LEU A 25 -10.66 1.59 8.38
CA LEU A 25 -10.46 2.21 9.69
C LEU A 25 -10.87 3.68 9.67
N LEU A 26 -10.44 4.40 8.64
CA LEU A 26 -10.74 5.81 8.51
C LEU A 26 -12.22 6.03 8.19
N SER A 27 -12.78 5.14 7.37
CA SER A 27 -14.19 5.24 6.99
C SER A 27 -15.08 4.97 8.21
N LYS A 28 -14.55 4.25 9.18
CA LYS A 28 -15.28 3.93 10.40
C LYS A 28 -15.37 5.15 11.31
N LYS A 29 -14.51 6.13 11.05
CA LYS A 29 -14.48 7.36 11.84
C LYS A 29 -15.70 8.22 11.56
N LYS A 30 -15.71 9.42 12.12
CA LYS A 30 -16.82 10.35 11.94
C LYS A 30 -16.95 10.76 10.48
N LYS A 1 16.89 6.74 -10.01
CA LYS A 1 15.68 6.03 -9.50
C LYS A 1 15.52 4.67 -10.16
N LYS A 2 16.49 3.79 -9.93
CA LYS A 2 16.46 2.46 -10.50
C LYS A 2 15.62 1.51 -9.64
N LYS A 3 15.56 1.82 -8.35
CA LYS A 3 14.79 1.01 -7.41
C LYS A 3 13.34 1.45 -7.37
N LEU A 4 13.09 2.69 -7.78
CA LEU A 4 11.74 3.24 -7.80
C LEU A 4 10.90 2.57 -8.88
N HIS A 5 11.57 1.93 -9.84
CA HIS A 5 10.86 1.26 -10.93
C HIS A 5 10.45 -0.16 -10.55
N PHE A 6 11.42 -1.02 -10.28
CA PHE A 6 11.12 -2.41 -9.91
C PHE A 6 11.02 -2.61 -8.41
N MET A 7 12.10 -2.34 -7.69
CA MET A 7 12.14 -2.51 -6.25
C MET A 7 10.95 -1.82 -5.55
N TYR A 8 10.40 -0.80 -6.20
CA TYR A 8 9.28 -0.07 -5.63
C TYR A 8 7.93 -0.71 -5.98
N VAL A 9 7.71 -1.00 -7.25
CA VAL A 9 6.45 -1.61 -7.68
C VAL A 9 6.16 -2.88 -6.88
N ALA A 10 7.22 -3.61 -6.56
CA ALA A 10 7.10 -4.83 -5.78
C ALA A 10 6.61 -4.50 -4.37
N ALA A 11 6.98 -3.33 -3.89
CA ALA A 11 6.58 -2.89 -2.56
C ALA A 11 5.10 -2.52 -2.54
N ALA A 12 4.67 -1.70 -3.50
CA ALA A 12 3.28 -1.29 -3.59
C ALA A 12 2.34 -2.49 -3.53
N ALA A 13 2.87 -3.66 -3.87
CA ALA A 13 2.08 -4.88 -3.86
C ALA A 13 1.93 -5.41 -2.43
N PHE A 14 3.03 -5.41 -1.68
CA PHE A 14 3.02 -5.89 -0.30
C PHE A 14 2.46 -4.82 0.65
N VAL A 15 3.04 -3.63 0.60
CA VAL A 15 2.61 -2.53 1.44
C VAL A 15 1.11 -2.29 1.33
N LEU A 16 0.52 -2.73 0.23
CA LEU A 16 -0.91 -2.56 -0.01
C LEU A 16 -1.73 -3.17 1.12
N LEU A 17 -1.24 -4.27 1.68
CA LEU A 17 -1.93 -4.95 2.77
C LEU A 17 -2.19 -4.02 3.95
N PHE A 18 -1.38 -2.97 4.07
CA PHE A 18 -1.53 -2.01 5.16
C PHE A 18 -2.51 -0.90 4.80
N PHE A 19 -2.59 -0.57 3.52
CA PHE A 19 -3.47 0.50 3.05
C PHE A 19 -4.91 0.01 2.85
N VAL A 20 -5.07 -1.28 2.60
CA VAL A 20 -6.40 -1.85 2.39
C VAL A 20 -7.25 -1.73 3.64
N GLY A 21 -6.63 -1.97 4.80
CA GLY A 21 -7.34 -1.87 6.06
C GLY A 21 -7.37 -0.45 6.59
N CYS A 22 -6.47 0.39 6.11
CA CYS A 22 -6.38 1.78 6.54
C CYS A 22 -7.40 2.64 5.81
N GLY A 23 -7.89 2.13 4.69
CA GLY A 23 -8.88 2.87 3.91
C GLY A 23 -10.11 3.23 4.72
N VAL A 24 -10.30 2.54 5.84
CA VAL A 24 -11.47 2.78 6.70
C VAL A 24 -11.24 4.03 7.56
N LEU A 25 -9.99 4.27 7.94
CA LEU A 25 -9.66 5.41 8.77
C LEU A 25 -9.79 6.71 7.99
N LEU A 26 -9.52 6.65 6.70
CA LEU A 26 -9.62 7.83 5.84
C LEU A 26 -11.07 8.20 5.57
N SER A 27 -11.98 7.28 5.91
CA SER A 27 -13.40 7.50 5.71
C SER A 27 -13.97 8.42 6.78
N LYS A 28 -13.74 8.05 8.04
CA LYS A 28 -14.23 8.83 9.17
C LYS A 28 -13.23 9.93 9.51
N LYS A 29 -11.97 9.56 9.68
CA LYS A 29 -10.92 10.52 10.01
C LYS A 29 -11.27 11.29 11.28
N LYS A 30 -11.11 10.63 12.43
CA LYS A 30 -11.41 11.25 13.71
C LYS A 30 -10.53 10.65 14.81
N LYS A 1 16.61 5.53 -9.83
CA LYS A 1 15.62 5.38 -10.92
C LYS A 1 15.40 3.91 -11.27
N LYS A 2 16.47 3.13 -11.21
CA LYS A 2 16.39 1.70 -11.51
C LYS A 2 15.68 0.96 -10.38
N LYS A 3 15.72 1.56 -9.19
CA LYS A 3 15.09 0.96 -8.02
C LYS A 3 13.61 1.34 -7.95
N LEU A 4 13.32 2.61 -8.18
CA LEU A 4 11.94 3.10 -8.14
C LEU A 4 11.08 2.34 -9.14
N HIS A 5 11.70 1.76 -10.15
CA HIS A 5 10.95 1.03 -11.16
C HIS A 5 10.48 -0.32 -10.63
N PHE A 6 11.43 -1.18 -10.26
CA PHE A 6 11.09 -2.51 -9.74
C PHE A 6 10.97 -2.53 -8.21
N MET A 7 12.06 -2.19 -7.54
CA MET A 7 12.11 -2.18 -6.08
C MET A 7 10.91 -1.49 -5.46
N TYR A 8 10.34 -0.53 -6.17
CA TYR A 8 9.19 0.22 -5.66
C TYR A 8 7.86 -0.48 -5.96
N VAL A 9 7.65 -0.87 -7.22
CA VAL A 9 6.41 -1.54 -7.60
C VAL A 9 6.19 -2.78 -6.73
N ALA A 10 7.27 -3.45 -6.39
CA ALA A 10 7.19 -4.64 -5.56
C ALA A 10 6.71 -4.28 -4.16
N ALA A 11 6.99 -3.04 -3.76
CA ALA A 11 6.58 -2.54 -2.46
C ALA A 11 5.09 -2.25 -2.42
N ALA A 12 4.64 -1.35 -3.29
CA ALA A 12 3.24 -0.98 -3.38
C ALA A 12 2.32 -2.20 -3.43
N ALA A 13 2.87 -3.33 -3.83
CA ALA A 13 2.09 -4.57 -3.92
C ALA A 13 1.93 -5.23 -2.56
N PHE A 14 3.02 -5.32 -1.82
CA PHE A 14 3.00 -5.95 -0.49
C PHE A 14 2.48 -4.98 0.56
N VAL A 15 3.04 -3.78 0.58
CA VAL A 15 2.65 -2.75 1.54
C VAL A 15 1.14 -2.49 1.50
N LEU A 16 0.54 -2.78 0.35
CA LEU A 16 -0.90 -2.57 0.17
C LEU A 16 -1.72 -3.35 1.20
N LEU A 17 -1.20 -4.51 1.59
CA LEU A 17 -1.88 -5.36 2.56
C LEU A 17 -2.20 -4.61 3.85
N PHE A 18 -1.41 -3.58 4.14
CA PHE A 18 -1.60 -2.77 5.34
C PHE A 18 -2.59 -1.63 5.10
N PHE A 19 -2.62 -1.13 3.88
CA PHE A 19 -3.51 -0.02 3.52
C PHE A 19 -4.93 -0.51 3.21
N VAL A 20 -5.05 -1.78 2.83
CA VAL A 20 -6.36 -2.34 2.49
C VAL A 20 -7.20 -2.55 3.75
N GLY A 21 -6.54 -2.78 4.87
CA GLY A 21 -7.24 -2.97 6.13
C GLY A 21 -7.77 -1.67 6.70
N CYS A 22 -6.97 -0.61 6.57
CA CYS A 22 -7.36 0.70 7.07
C CYS A 22 -8.25 1.43 6.06
N GLY A 23 -8.22 0.97 4.81
CA GLY A 23 -9.01 1.58 3.76
C GLY A 23 -10.47 1.75 4.15
N VAL A 24 -11.02 0.75 4.82
CA VAL A 24 -12.42 0.79 5.25
C VAL A 24 -12.67 1.93 6.24
N LEU A 25 -11.66 2.20 7.07
CA LEU A 25 -11.77 3.27 8.06
C LEU A 25 -11.97 4.62 7.39
N LEU A 26 -11.37 4.79 6.21
CA LEU A 26 -11.48 6.04 5.47
C LEU A 26 -12.80 6.10 4.69
N SER A 27 -13.26 4.94 4.22
CA SER A 27 -14.50 4.86 3.46
C SER A 27 -15.70 4.97 4.38
N LYS A 28 -15.46 4.98 5.69
CA LYS A 28 -16.52 5.08 6.67
C LYS A 28 -16.92 6.53 6.91
N LYS A 29 -15.95 7.43 6.81
CA LYS A 29 -16.19 8.85 7.00
C LYS A 29 -17.20 9.38 5.99
N LYS A 30 -17.89 10.46 6.35
CA LYS A 30 -18.89 11.07 5.47
C LYS A 30 -19.97 10.08 5.10
N LYS A 1 15.83 5.98 -9.52
CA LYS A 1 15.07 5.93 -10.78
C LYS A 1 14.90 4.48 -11.26
N LYS A 2 16.02 3.81 -11.47
CA LYS A 2 16.01 2.42 -11.93
C LYS A 2 15.45 1.51 -10.85
N LYS A 3 15.81 1.79 -9.60
CA LYS A 3 15.35 0.98 -8.47
C LYS A 3 13.88 1.27 -8.17
N LEU A 4 13.52 2.55 -8.20
CA LEU A 4 12.14 2.95 -7.94
C LEU A 4 11.19 2.29 -8.94
N HIS A 5 11.74 1.82 -10.05
CA HIS A 5 10.91 1.18 -11.07
C HIS A 5 10.42 -0.19 -10.61
N PHE A 6 11.36 -1.10 -10.34
CA PHE A 6 11.01 -2.45 -9.92
C PHE A 6 10.93 -2.58 -8.39
N MET A 7 12.04 -2.28 -7.72
CA MET A 7 12.12 -2.40 -6.27
C MET A 7 10.93 -1.74 -5.56
N TYR A 8 10.37 -0.72 -6.17
CA TYR A 8 9.25 0.00 -5.55
C TYR A 8 7.89 -0.65 -5.89
N VAL A 9 7.66 -0.94 -7.17
CA VAL A 9 6.40 -1.55 -7.58
C VAL A 9 6.15 -2.83 -6.77
N ALA A 10 7.22 -3.56 -6.48
CA ALA A 10 7.13 -4.77 -5.69
C ALA A 10 6.62 -4.45 -4.29
N ALA A 11 6.99 -3.26 -3.81
CA ALA A 11 6.57 -2.80 -2.50
C ALA A 11 5.09 -2.44 -2.50
N ALA A 12 4.70 -1.59 -3.45
CA ALA A 12 3.31 -1.16 -3.58
C ALA A 12 2.36 -2.34 -3.54
N ALA A 13 2.87 -3.53 -3.87
CA ALA A 13 2.07 -4.74 -3.87
C ALA A 13 1.93 -5.32 -2.46
N PHE A 14 3.04 -5.36 -1.72
CA PHE A 14 3.04 -5.89 -0.36
C PHE A 14 2.47 -4.87 0.62
N VAL A 15 2.99 -3.64 0.55
CA VAL A 15 2.54 -2.57 1.42
C VAL A 15 1.03 -2.35 1.29
N LEU A 16 0.47 -2.79 0.16
CA LEU A 16 -0.96 -2.65 -0.09
C LEU A 16 -1.78 -3.33 1.00
N LEU A 17 -1.18 -4.32 1.66
CA LEU A 17 -1.86 -5.05 2.72
C LEU A 17 -2.26 -4.12 3.87
N PHE A 18 -1.50 -3.03 4.02
CA PHE A 18 -1.77 -2.06 5.08
C PHE A 18 -2.79 -1.02 4.62
N PHE A 19 -2.87 -0.80 3.31
CA PHE A 19 -3.80 0.18 2.75
C PHE A 19 -5.19 -0.42 2.58
N VAL A 20 -5.25 -1.72 2.29
CA VAL A 20 -6.52 -2.40 2.11
C VAL A 20 -7.33 -2.41 3.41
N GLY A 21 -6.62 -2.36 4.53
CA GLY A 21 -7.28 -2.36 5.83
C GLY A 21 -7.98 -1.05 6.12
N CYS A 22 -7.58 0.00 5.39
CA CYS A 22 -8.17 1.32 5.56
C CYS A 22 -9.52 1.41 4.86
N GLY A 23 -9.72 0.54 3.88
CA GLY A 23 -10.98 0.54 3.13
C GLY A 23 -12.18 0.26 4.02
N VAL A 24 -12.09 -0.80 4.80
CA VAL A 24 -13.18 -1.17 5.71
C VAL A 24 -13.39 -0.11 6.78
N LEU A 25 -12.32 0.62 7.10
CA LEU A 25 -12.39 1.67 8.10
C LEU A 25 -13.40 2.74 7.73
N LEU A 26 -13.32 3.21 6.48
CA LEU A 26 -14.23 4.23 5.98
C LEU A 26 -15.66 3.72 5.98
N SER A 27 -15.83 2.42 5.76
CA SER A 27 -17.16 1.81 5.74
C SER A 27 -17.84 1.97 7.10
N LYS A 28 -17.04 2.10 8.15
CA LYS A 28 -17.58 2.26 9.50
C LYS A 28 -17.53 3.73 9.91
N LYS A 29 -16.79 4.53 9.17
CA LYS A 29 -16.67 5.96 9.45
C LYS A 29 -17.78 6.75 8.76
N LYS A 30 -18.75 7.20 9.55
CA LYS A 30 -19.88 7.97 9.03
C LYS A 30 -20.64 7.17 7.98
N LYS A 1 17.42 5.27 -8.78
CA LYS A 1 16.34 5.52 -9.77
C LYS A 1 15.72 4.20 -10.23
N LYS A 2 16.55 3.17 -10.36
CA LYS A 2 16.08 1.86 -10.78
C LYS A 2 15.27 1.20 -9.68
N LYS A 3 15.55 1.57 -8.44
CA LYS A 3 14.86 1.03 -7.28
C LYS A 3 13.41 1.52 -7.26
N LEU A 4 13.18 2.68 -7.88
CA LEU A 4 11.85 3.27 -7.94
C LEU A 4 10.99 2.57 -8.98
N HIS A 5 11.64 1.86 -9.89
CA HIS A 5 10.92 1.16 -10.95
C HIS A 5 10.49 -0.25 -10.52
N PHE A 6 11.45 -1.11 -10.20
CA PHE A 6 11.14 -2.47 -9.80
C PHE A 6 10.98 -2.64 -8.29
N MET A 7 12.03 -2.36 -7.54
CA MET A 7 12.00 -2.50 -6.09
C MET A 7 10.84 -1.74 -5.47
N TYR A 8 10.31 -0.76 -6.19
CA TYR A 8 9.20 0.04 -5.70
C TYR A 8 7.85 -0.59 -6.04
N VAL A 9 7.66 -0.99 -7.30
CA VAL A 9 6.42 -1.60 -7.73
C VAL A 9 6.11 -2.83 -6.88
N ALA A 10 7.16 -3.55 -6.51
CA ALA A 10 7.00 -4.75 -5.69
C ALA A 10 6.54 -4.36 -4.28
N ALA A 11 6.86 -3.13 -3.89
CA ALA A 11 6.49 -2.63 -2.57
C ALA A 11 5.00 -2.29 -2.53
N ALA A 12 4.58 -1.39 -3.40
CA ALA A 12 3.18 -0.97 -3.45
C ALA A 12 2.23 -2.15 -3.45
N ALA A 13 2.73 -3.32 -3.84
CA ALA A 13 1.92 -4.53 -3.87
C ALA A 13 1.90 -5.22 -2.51
N PHE A 14 3.09 -5.45 -1.95
CA PHE A 14 3.21 -6.10 -0.64
C PHE A 14 2.68 -5.19 0.47
N VAL A 15 3.13 -3.94 0.46
CA VAL A 15 2.69 -2.97 1.46
C VAL A 15 1.18 -2.85 1.46
N LEU A 16 0.57 -2.99 0.29
CA LEU A 16 -0.87 -2.91 0.14
C LEU A 16 -1.55 -3.97 1.00
N LEU A 17 -0.88 -5.09 1.17
CA LEU A 17 -1.39 -6.21 1.95
C LEU A 17 -1.72 -5.78 3.38
N PHE A 18 -1.05 -4.73 3.85
CA PHE A 18 -1.30 -4.21 5.19
C PHE A 18 -2.43 -3.19 5.18
N PHE A 19 -2.57 -2.50 4.04
CA PHE A 19 -3.60 -1.48 3.88
C PHE A 19 -4.95 -2.09 3.49
N VAL A 20 -4.93 -3.27 2.90
CA VAL A 20 -6.16 -3.94 2.48
C VAL A 20 -7.01 -4.32 3.69
N GLY A 21 -6.35 -4.66 4.79
CA GLY A 21 -7.07 -5.02 6.00
C GLY A 21 -7.74 -3.82 6.65
N CYS A 22 -7.13 -2.65 6.50
CA CYS A 22 -7.68 -1.43 7.07
C CYS A 22 -8.76 -0.85 6.17
N GLY A 23 -8.73 -1.23 4.89
CA GLY A 23 -9.71 -0.74 3.95
C GLY A 23 -11.13 -1.09 4.36
N VAL A 24 -11.30 -2.27 4.95
CA VAL A 24 -12.62 -2.71 5.41
C VAL A 24 -13.04 -1.96 6.66
N LEU A 25 -12.06 -1.48 7.42
CA LEU A 25 -12.33 -0.74 8.65
C LEU A 25 -13.04 0.57 8.34
N LEU A 26 -12.56 1.29 7.31
CA LEU A 26 -13.15 2.55 6.92
C LEU A 26 -14.56 2.34 6.37
N SER A 27 -14.80 1.17 5.82
CA SER A 27 -16.11 0.83 5.25
C SER A 27 -17.18 0.84 6.34
N LYS A 28 -16.74 0.69 7.59
CA LYS A 28 -17.66 0.68 8.73
C LYS A 28 -17.59 2.00 9.48
N LYS A 29 -16.41 2.62 9.48
CA LYS A 29 -16.20 3.89 10.16
C LYS A 29 -16.44 5.06 9.22
N LYS A 30 -16.13 6.26 9.67
CA LYS A 30 -16.31 7.47 8.87
C LYS A 30 -15.12 8.41 9.03
N LYS A 1 16.91 5.33 -10.03
CA LYS A 1 15.67 5.03 -10.80
C LYS A 1 15.48 3.53 -10.98
N LYS A 2 16.60 2.81 -11.03
CA LYS A 2 16.57 1.35 -11.20
C LYS A 2 15.85 0.69 -10.03
N LYS A 3 15.81 1.38 -8.90
CA LYS A 3 15.16 0.85 -7.71
C LYS A 3 13.66 1.19 -7.72
N LEU A 4 13.36 2.48 -7.78
CA LEU A 4 11.98 2.95 -7.80
C LEU A 4 11.19 2.25 -8.91
N HIS A 5 11.89 1.76 -9.92
CA HIS A 5 11.23 1.07 -11.02
C HIS A 5 10.69 -0.29 -10.58
N PHE A 6 11.58 -1.19 -10.18
CA PHE A 6 11.17 -2.52 -9.73
C PHE A 6 10.95 -2.58 -8.22
N MET A 7 12.00 -2.26 -7.46
CA MET A 7 11.94 -2.31 -6.00
C MET A 7 10.69 -1.63 -5.43
N TYR A 8 10.20 -0.61 -6.13
CA TYR A 8 9.03 0.12 -5.65
C TYR A 8 7.72 -0.52 -6.10
N VAL A 9 7.61 -0.85 -7.38
CA VAL A 9 6.40 -1.48 -7.90
C VAL A 9 6.08 -2.74 -7.12
N ALA A 10 7.12 -3.42 -6.66
CA ALA A 10 6.96 -4.64 -5.88
C ALA A 10 6.50 -4.29 -4.47
N ALA A 11 6.87 -3.10 -4.02
CA ALA A 11 6.50 -2.61 -2.71
C ALA A 11 5.01 -2.31 -2.64
N ALA A 12 4.55 -1.47 -3.56
CA ALA A 12 3.14 -1.10 -3.62
C ALA A 12 2.23 -2.31 -3.55
N ALA A 13 2.77 -3.47 -3.91
CA ALA A 13 2.01 -4.71 -3.90
C ALA A 13 1.94 -5.30 -2.49
N PHE A 14 3.08 -5.29 -1.79
CA PHE A 14 3.14 -5.83 -0.44
C PHE A 14 2.61 -4.83 0.58
N VAL A 15 3.14 -3.61 0.54
CA VAL A 15 2.72 -2.55 1.45
C VAL A 15 1.20 -2.37 1.43
N LEU A 16 0.58 -2.75 0.32
CA LEU A 16 -0.87 -2.62 0.17
C LEU A 16 -1.60 -3.41 1.24
N LEU A 17 -1.04 -4.54 1.65
CA LEU A 17 -1.65 -5.38 2.67
C LEU A 17 -1.91 -4.61 3.97
N PHE A 18 -1.13 -3.55 4.19
CA PHE A 18 -1.28 -2.75 5.40
C PHE A 18 -2.34 -1.66 5.21
N PHE A 19 -2.38 -1.08 4.02
CA PHE A 19 -3.34 -0.02 3.70
C PHE A 19 -4.75 -0.57 3.56
N VAL A 20 -4.86 -1.85 3.22
CA VAL A 20 -6.17 -2.48 3.05
C VAL A 20 -6.76 -2.86 4.40
N GLY A 21 -5.91 -2.97 5.41
CA GLY A 21 -6.37 -3.33 6.74
C GLY A 21 -7.05 -2.19 7.45
N CYS A 22 -6.40 -1.02 7.44
CA CYS A 22 -6.96 0.17 8.09
C CYS A 22 -7.97 0.87 7.20
N GLY A 23 -7.90 0.58 5.90
CA GLY A 23 -8.81 1.20 4.95
C GLY A 23 -10.27 0.95 5.30
N VAL A 24 -10.56 -0.23 5.82
CA VAL A 24 -11.92 -0.59 6.20
C VAL A 24 -12.28 -0.07 7.59
N LEU A 25 -11.25 0.21 8.39
CA LEU A 25 -11.45 0.70 9.75
C LEU A 25 -12.13 2.07 9.74
N LEU A 26 -12.02 2.77 8.61
CA LEU A 26 -12.62 4.09 8.47
C LEU A 26 -14.11 3.99 8.11
N SER A 27 -14.48 2.88 7.47
CA SER A 27 -15.86 2.67 7.05
C SER A 27 -16.68 2.07 8.19
N LYS A 28 -16.00 1.65 9.25
CA LYS A 28 -16.68 1.05 10.40
C LYS A 28 -16.81 2.06 11.53
N LYS A 29 -15.89 3.02 11.57
CA LYS A 29 -15.92 4.06 12.60
C LYS A 29 -16.71 5.27 12.13
N LYS A 30 -17.49 5.84 13.04
CA LYS A 30 -18.31 7.02 12.73
C LYS A 30 -19.30 6.71 11.62
N LYS A 1 16.45 5.57 -10.51
CA LYS A 1 15.13 5.31 -11.16
C LYS A 1 14.87 3.82 -11.26
N LYS A 2 15.93 3.02 -11.10
CA LYS A 2 15.82 1.56 -11.17
C LYS A 2 15.10 1.02 -9.94
N LYS A 3 15.42 1.58 -8.77
CA LYS A 3 14.80 1.15 -7.52
C LYS A 3 13.33 1.55 -7.50
N LEU A 4 13.04 2.75 -7.98
CA LEU A 4 11.67 3.25 -8.04
C LEU A 4 10.86 2.47 -9.05
N HIS A 5 11.55 1.76 -9.94
CA HIS A 5 10.86 0.99 -10.97
C HIS A 5 10.47 -0.40 -10.48
N PHE A 6 11.47 -1.21 -10.12
CA PHE A 6 11.20 -2.58 -9.66
C PHE A 6 11.04 -2.68 -8.14
N MET A 7 12.09 -2.33 -7.41
CA MET A 7 12.07 -2.40 -5.95
C MET A 7 10.87 -1.67 -5.36
N TYR A 8 10.32 -0.71 -6.11
CA TYR A 8 9.18 0.06 -5.63
C TYR A 8 7.85 -0.62 -5.96
N VAL A 9 7.69 -1.06 -7.20
CA VAL A 9 6.45 -1.72 -7.61
C VAL A 9 6.16 -2.93 -6.73
N ALA A 10 7.22 -3.62 -6.32
CA ALA A 10 7.09 -4.78 -5.46
C ALA A 10 6.67 -4.36 -4.05
N ALA A 11 6.92 -3.09 -3.74
CA ALA A 11 6.57 -2.54 -2.43
C ALA A 11 5.10 -2.13 -2.38
N ALA A 12 4.73 -1.18 -3.23
CA ALA A 12 3.36 -0.68 -3.27
C ALA A 12 2.35 -1.82 -3.36
N ALA A 13 2.80 -2.98 -3.84
CA ALA A 13 1.94 -4.15 -3.98
C ALA A 13 1.81 -4.90 -2.66
N PHE A 14 2.93 -5.09 -1.96
CA PHE A 14 2.94 -5.81 -0.69
C PHE A 14 2.51 -4.90 0.46
N VAL A 15 3.12 -3.73 0.54
CA VAL A 15 2.80 -2.77 1.60
C VAL A 15 1.30 -2.49 1.65
N LEU A 16 0.62 -2.67 0.51
CA LEU A 16 -0.82 -2.42 0.43
C LEU A 16 -1.57 -3.26 1.45
N LEU A 17 -1.04 -4.45 1.74
CA LEU A 17 -1.67 -5.36 2.69
C LEU A 17 -1.83 -4.72 4.07
N PHE A 18 -0.96 -3.77 4.39
CA PHE A 18 -1.03 -3.09 5.68
C PHE A 18 -2.03 -1.95 5.65
N PHE A 19 -2.19 -1.35 4.47
CA PHE A 19 -3.12 -0.23 4.31
C PHE A 19 -4.55 -0.71 4.17
N VAL A 20 -4.72 -1.96 3.73
CA VAL A 20 -6.05 -2.54 3.56
C VAL A 20 -6.58 -3.13 4.86
N GLY A 21 -5.65 -3.54 5.73
CA GLY A 21 -6.05 -4.13 7.00
C GLY A 21 -6.66 -3.12 7.96
N CYS A 22 -6.16 -1.89 7.92
CA CYS A 22 -6.66 -0.83 8.80
C CYS A 22 -8.06 -0.37 8.36
N GLY A 23 -8.39 -0.62 7.11
CA GLY A 23 -9.69 -0.21 6.59
C GLY A 23 -10.84 -0.92 7.28
N VAL A 24 -10.64 -2.18 7.64
CA VAL A 24 -11.67 -2.96 8.30
C VAL A 24 -11.68 -2.71 9.81
N LEU A 25 -10.52 -2.31 10.35
CA LEU A 25 -10.40 -2.05 11.78
C LEU A 25 -11.39 -0.98 12.24
N LEU A 26 -11.37 0.16 11.56
CA LEU A 26 -12.26 1.27 11.90
C LEU A 26 -13.72 0.84 11.86
N SER A 27 -14.04 -0.07 10.94
CA SER A 27 -15.41 -0.56 10.80
C SER A 27 -15.82 -1.41 12.00
N LYS A 28 -14.84 -2.10 12.58
CA LYS A 28 -15.09 -2.94 13.75
C LYS A 28 -14.93 -2.15 15.05
N LYS A 29 -14.50 -0.90 14.92
CA LYS A 29 -14.31 -0.05 16.08
C LYS A 29 -15.51 0.87 16.31
N LYS A 30 -15.77 1.20 17.56
CA LYS A 30 -16.90 2.08 17.91
C LYS A 30 -16.41 3.33 18.63
N LYS A 1 17.46 5.61 -9.20
CA LYS A 1 16.16 5.78 -9.90
C LYS A 1 15.68 4.45 -10.47
N LYS A 2 16.57 3.47 -10.50
CA LYS A 2 16.25 2.15 -11.04
C LYS A 2 15.38 1.36 -10.05
N LYS A 3 15.61 1.57 -8.76
CA LYS A 3 14.86 0.89 -7.72
C LYS A 3 13.41 1.36 -7.69
N LEU A 4 13.21 2.65 -7.94
CA LEU A 4 11.87 3.24 -7.93
C LEU A 4 11.00 2.57 -8.99
N HIS A 5 11.63 1.89 -9.96
CA HIS A 5 10.88 1.22 -11.02
C HIS A 5 10.45 -0.18 -10.59
N PHE A 6 11.42 -1.06 -10.31
CA PHE A 6 11.11 -2.43 -9.90
C PHE A 6 11.00 -2.58 -8.38
N MET A 7 12.10 -2.29 -7.69
CA MET A 7 12.15 -2.42 -6.24
C MET A 7 10.98 -1.72 -5.56
N TYR A 8 10.41 -0.72 -6.23
CA TYR A 8 9.30 0.03 -5.68
C TYR A 8 7.95 -0.61 -6.00
N VAL A 9 7.71 -0.94 -7.27
CA VAL A 9 6.46 -1.56 -7.68
C VAL A 9 6.19 -2.81 -6.85
N ALA A 10 7.25 -3.52 -6.50
CA ALA A 10 7.12 -4.73 -5.70
C ALA A 10 6.65 -4.39 -4.30
N ALA A 11 6.99 -3.19 -3.84
CA ALA A 11 6.58 -2.72 -2.53
C ALA A 11 5.09 -2.40 -2.50
N ALA A 12 4.66 -1.56 -3.43
CA ALA A 12 3.26 -1.15 -3.52
C ALA A 12 2.33 -2.37 -3.51
N ALA A 13 2.87 -3.52 -3.89
CA ALA A 13 2.08 -4.75 -3.92
C ALA A 13 1.92 -5.35 -2.52
N PHE A 14 3.02 -5.41 -1.77
CA PHE A 14 2.98 -5.96 -0.42
C PHE A 14 2.44 -4.94 0.58
N VAL A 15 2.99 -3.74 0.56
CA VAL A 15 2.56 -2.66 1.45
C VAL A 15 1.06 -2.43 1.33
N LEU A 16 0.50 -2.81 0.19
CA LEU A 16 -0.93 -2.63 -0.07
C LEU A 16 -1.77 -3.34 1.00
N LEU A 17 -1.26 -4.46 1.51
CA LEU A 17 -1.96 -5.23 2.53
C LEU A 17 -2.26 -4.39 3.78
N PHE A 18 -1.47 -3.34 3.99
CA PHE A 18 -1.65 -2.48 5.15
C PHE A 18 -2.65 -1.36 4.87
N PHE A 19 -2.70 -0.91 3.61
CA PHE A 19 -3.59 0.17 3.22
C PHE A 19 -5.00 -0.33 2.92
N VAL A 20 -5.11 -1.59 2.51
CA VAL A 20 -6.43 -2.17 2.20
C VAL A 20 -7.30 -2.25 3.44
N GLY A 21 -6.67 -2.51 4.59
CA GLY A 21 -7.41 -2.62 5.84
C GLY A 21 -7.63 -1.27 6.49
N CYS A 22 -6.63 -0.39 6.38
CA CYS A 22 -6.71 0.94 6.98
C CYS A 22 -7.75 1.79 6.26
N GLY A 23 -8.07 1.41 5.03
CA GLY A 23 -9.06 2.15 4.25
C GLY A 23 -10.41 2.22 4.96
N VAL A 24 -10.96 1.07 5.29
CA VAL A 24 -12.24 1.00 5.97
C VAL A 24 -12.08 1.22 7.47
N LEU A 25 -10.91 0.88 7.99
CA LEU A 25 -10.62 1.05 9.41
C LEU A 25 -10.56 2.53 9.77
N LEU A 26 -10.32 3.36 8.76
CA LEU A 26 -10.23 4.80 8.97
C LEU A 26 -11.48 5.34 9.67
N SER A 27 -12.64 4.89 9.19
CA SER A 27 -13.91 5.33 9.77
C SER A 27 -14.25 4.51 11.01
N LYS A 28 -13.49 3.45 11.25
CA LYS A 28 -13.71 2.59 12.40
C LYS A 28 -12.99 3.14 13.64
N LYS A 29 -11.91 3.87 13.40
CA LYS A 29 -11.13 4.44 14.50
C LYS A 29 -11.63 5.85 14.82
N LYS A 30 -11.03 6.46 15.83
CA LYS A 30 -11.41 7.81 16.24
C LYS A 30 -10.66 8.87 15.43
N LYS A 1 16.48 6.44 -8.88
CA LYS A 1 15.23 6.35 -9.68
C LYS A 1 15.15 5.00 -10.39
N LYS A 2 16.31 4.36 -10.58
CA LYS A 2 16.38 3.07 -11.25
C LYS A 2 15.70 1.99 -10.42
N LYS A 3 16.09 1.89 -9.15
CA LYS A 3 15.51 0.90 -8.25
C LYS A 3 14.03 1.19 -8.00
N LEU A 4 13.66 2.46 -8.05
CA LEU A 4 12.27 2.86 -7.85
C LEU A 4 11.37 2.19 -8.89
N HIS A 5 11.95 1.76 -9.99
CA HIS A 5 11.19 1.11 -11.04
C HIS A 5 10.65 -0.24 -10.59
N PHE A 6 11.54 -1.17 -10.24
CA PHE A 6 11.13 -2.50 -9.80
C PHE A 6 10.92 -2.60 -8.30
N MET A 7 11.99 -2.36 -7.53
CA MET A 7 11.94 -2.45 -6.07
C MET A 7 10.71 -1.77 -5.47
N TYR A 8 10.21 -0.73 -6.13
CA TYR A 8 9.06 0.00 -5.62
C TYR A 8 7.73 -0.62 -6.06
N VAL A 9 7.61 -0.92 -7.36
CA VAL A 9 6.36 -1.52 -7.86
C VAL A 9 6.04 -2.79 -7.09
N ALA A 10 7.08 -3.51 -6.69
CA ALA A 10 6.90 -4.73 -5.92
C ALA A 10 6.47 -4.40 -4.50
N ALA A 11 6.84 -3.21 -4.04
CA ALA A 11 6.48 -2.74 -2.71
C ALA A 11 5.00 -2.40 -2.64
N ALA A 12 4.56 -1.56 -3.55
CA ALA A 12 3.15 -1.15 -3.60
C ALA A 12 2.22 -2.36 -3.54
N ALA A 13 2.75 -3.52 -3.91
CA ALA A 13 1.97 -4.75 -3.89
C ALA A 13 1.89 -5.33 -2.47
N PHE A 14 3.03 -5.33 -1.77
CA PHE A 14 3.07 -5.85 -0.41
C PHE A 14 2.56 -4.83 0.59
N VAL A 15 3.12 -3.63 0.55
CA VAL A 15 2.72 -2.56 1.47
C VAL A 15 1.21 -2.36 1.45
N LEU A 16 0.57 -2.73 0.32
CA LEU A 16 -0.87 -2.60 0.18
C LEU A 16 -1.62 -3.27 1.32
N LEU A 17 -1.11 -4.42 1.76
CA LEU A 17 -1.73 -5.17 2.84
C LEU A 17 -1.96 -4.30 4.08
N PHE A 18 -1.17 -3.25 4.23
CA PHE A 18 -1.30 -2.35 5.37
C PHE A 18 -2.31 -1.24 5.10
N PHE A 19 -2.45 -0.86 3.84
CA PHE A 19 -3.37 0.21 3.45
C PHE A 19 -4.81 -0.29 3.31
N VAL A 20 -4.99 -1.59 3.07
CA VAL A 20 -6.32 -2.16 2.92
C VAL A 20 -7.20 -1.84 4.12
N GLY A 21 -6.57 -1.67 5.28
CA GLY A 21 -7.31 -1.37 6.49
C GLY A 21 -7.80 0.07 6.53
N CYS A 22 -6.99 0.98 6.02
CA CYS A 22 -7.35 2.40 6.00
C CYS A 22 -8.24 2.71 4.80
N GLY A 23 -8.22 1.83 3.80
CA GLY A 23 -9.02 2.04 2.60
C GLY A 23 -10.50 2.19 2.90
N VAL A 24 -10.98 1.47 3.89
CA VAL A 24 -12.39 1.53 4.27
C VAL A 24 -12.71 2.82 5.03
N LEU A 25 -11.72 3.31 5.77
CA LEU A 25 -11.89 4.53 6.55
C LEU A 25 -11.71 5.77 5.68
N LEU A 26 -10.97 5.62 4.59
CA LEU A 26 -10.72 6.72 3.67
C LEU A 26 -11.93 6.95 2.77
N SER A 27 -12.62 5.87 2.42
CA SER A 27 -13.80 5.96 1.57
C SER A 27 -14.96 6.57 2.34
N LYS A 28 -14.80 6.71 3.65
CA LYS A 28 -15.83 7.29 4.50
C LYS A 28 -15.76 8.81 4.49
N LYS A 29 -14.59 9.33 4.11
CA LYS A 29 -14.38 10.77 4.05
C LYS A 29 -15.15 11.38 2.88
N LYS A 30 -15.76 12.53 3.11
CA LYS A 30 -16.54 13.21 2.08
C LYS A 30 -16.06 14.66 1.91
N LYS A 1 16.55 5.98 -8.20
CA LYS A 1 15.72 5.95 -9.43
C LYS A 1 15.64 4.55 -10.01
N LYS A 2 16.76 3.82 -9.94
CA LYS A 2 16.82 2.46 -10.46
C LYS A 2 15.97 1.52 -9.62
N LYS A 3 16.05 1.67 -8.30
CA LYS A 3 15.28 0.82 -7.39
C LYS A 3 13.80 1.15 -7.46
N LEU A 4 13.48 2.44 -7.54
CA LEU A 4 12.09 2.89 -7.62
C LEU A 4 11.36 2.19 -8.75
N HIS A 5 12.10 1.68 -9.72
CA HIS A 5 11.48 1.00 -10.86
C HIS A 5 10.91 -0.35 -10.46
N PHE A 6 11.77 -1.26 -10.01
CA PHE A 6 11.32 -2.59 -9.61
C PHE A 6 11.01 -2.68 -8.10
N MET A 7 11.98 -2.32 -7.28
CA MET A 7 11.83 -2.37 -5.83
C MET A 7 10.56 -1.68 -5.34
N TYR A 8 10.10 -0.67 -6.07
CA TYR A 8 8.91 0.06 -5.66
C TYR A 8 7.62 -0.58 -6.18
N VAL A 9 7.59 -0.91 -7.46
CA VAL A 9 6.39 -1.53 -8.05
C VAL A 9 6.01 -2.79 -7.27
N ALA A 10 7.03 -3.50 -6.78
CA ALA A 10 6.80 -4.71 -6.01
C ALA A 10 6.38 -4.33 -4.59
N ALA A 11 6.75 -3.12 -4.17
CA ALA A 11 6.39 -2.63 -2.85
C ALA A 11 4.91 -2.28 -2.79
N ALA A 12 4.47 -1.40 -3.68
CA ALA A 12 3.08 -0.98 -3.74
C ALA A 12 2.13 -2.17 -3.68
N ALA A 13 2.64 -3.35 -4.05
CA ALA A 13 1.83 -4.56 -4.04
C ALA A 13 1.81 -5.20 -2.64
N PHE A 14 2.96 -5.26 -1.99
CA PHE A 14 3.07 -5.84 -0.66
C PHE A 14 2.60 -4.86 0.41
N VAL A 15 3.12 -3.64 0.36
CA VAL A 15 2.76 -2.60 1.31
C VAL A 15 1.24 -2.41 1.38
N LEU A 16 0.55 -2.84 0.32
CA LEU A 16 -0.90 -2.72 0.25
C LEU A 16 -1.57 -3.38 1.45
N LEU A 17 -0.88 -4.34 2.06
CA LEU A 17 -1.42 -5.05 3.22
C LEU A 17 -1.57 -4.13 4.43
N PHE A 18 -0.76 -3.08 4.47
CA PHE A 18 -0.81 -2.12 5.58
C PHE A 18 -1.91 -1.09 5.34
N PHE A 19 -2.18 -0.80 4.07
CA PHE A 19 -3.20 0.17 3.71
C PHE A 19 -4.60 -0.42 3.85
N VAL A 20 -4.69 -1.74 3.73
CA VAL A 20 -5.98 -2.42 3.86
C VAL A 20 -6.31 -2.69 5.33
N GLY A 21 -5.27 -2.70 6.17
CA GLY A 21 -5.47 -2.94 7.58
C GLY A 21 -6.13 -1.78 8.29
N CYS A 22 -5.69 -0.56 7.96
CA CYS A 22 -6.24 0.64 8.57
C CYS A 22 -7.52 1.06 7.86
N GLY A 23 -7.70 0.57 6.64
CA GLY A 23 -8.89 0.91 5.86
C GLY A 23 -10.18 0.54 6.58
N VAL A 24 -10.19 -0.62 7.24
CA VAL A 24 -11.37 -1.07 7.97
C VAL A 24 -11.69 -0.13 9.12
N LEU A 25 -10.66 0.53 9.64
CA LEU A 25 -10.83 1.46 10.75
C LEU A 25 -11.68 2.66 10.33
N LEU A 26 -11.37 3.21 9.16
CA LEU A 26 -12.10 4.35 8.63
C LEU A 26 -13.47 3.93 8.10
N SER A 27 -13.56 2.69 7.63
CA SER A 27 -14.80 2.15 7.12
C SER A 27 -15.77 1.83 8.25
N LYS A 28 -15.24 1.79 9.47
CA LYS A 28 -16.06 1.51 10.65
C LYS A 28 -16.75 2.78 11.13
N LYS A 29 -16.14 3.93 10.82
CA LYS A 29 -16.70 5.21 11.21
C LYS A 29 -17.51 5.81 10.07
N LYS A 30 -18.79 6.10 10.34
CA LYS A 30 -19.68 6.66 9.33
C LYS A 30 -19.77 5.76 8.10
N LYS A 1 15.46 6.53 -9.12
CA LYS A 1 14.47 5.95 -10.07
C LYS A 1 14.79 4.48 -10.34
N LYS A 2 16.03 4.09 -10.10
CA LYS A 2 16.47 2.72 -10.31
C LYS A 2 15.65 1.74 -9.47
N LYS A 3 15.52 2.05 -8.18
CA LYS A 3 14.77 1.20 -7.26
C LYS A 3 13.28 1.53 -7.33
N LEU A 4 12.98 2.77 -7.71
CA LEU A 4 11.61 3.23 -7.82
C LEU A 4 10.86 2.45 -8.92
N HIS A 5 11.61 1.81 -9.80
CA HIS A 5 11.00 1.06 -10.88
C HIS A 5 10.60 -0.35 -10.46
N PHE A 6 11.57 -1.16 -10.05
CA PHE A 6 11.29 -2.54 -9.64
C PHE A 6 11.04 -2.67 -8.14
N MET A 7 12.05 -2.32 -7.35
CA MET A 7 11.95 -2.42 -5.89
C MET A 7 10.71 -1.73 -5.34
N TYR A 8 10.21 -0.74 -6.08
CA TYR A 8 9.02 -0.01 -5.64
C TYR A 8 7.72 -0.69 -6.09
N VAL A 9 7.65 -1.08 -7.36
CA VAL A 9 6.45 -1.74 -7.88
C VAL A 9 6.11 -2.97 -7.05
N ALA A 10 7.15 -3.67 -6.61
CA ALA A 10 6.97 -4.87 -5.80
C ALA A 10 6.56 -4.50 -4.38
N ALA A 11 6.84 -3.25 -4.01
CA ALA A 11 6.50 -2.75 -2.68
C ALA A 11 5.03 -2.38 -2.60
N ALA A 12 4.59 -1.49 -3.50
CA ALA A 12 3.20 -1.04 -3.54
C ALA A 12 2.23 -2.22 -3.51
N ALA A 13 2.71 -3.39 -3.92
CA ALA A 13 1.87 -4.59 -3.93
C ALA A 13 1.79 -5.22 -2.54
N PHE A 14 2.92 -5.29 -1.86
CA PHE A 14 2.97 -5.87 -0.51
C PHE A 14 2.51 -4.86 0.53
N VAL A 15 3.12 -3.69 0.53
CA VAL A 15 2.79 -2.64 1.47
C VAL A 15 1.28 -2.36 1.49
N LEU A 16 0.62 -2.66 0.39
CA LEU A 16 -0.83 -2.44 0.27
C LEU A 16 -1.58 -3.12 1.42
N LEU A 17 -1.09 -4.29 1.84
CA LEU A 17 -1.72 -5.05 2.91
C LEU A 17 -1.87 -4.20 4.18
N PHE A 18 -1.02 -3.18 4.32
CA PHE A 18 -1.07 -2.31 5.49
C PHE A 18 -2.03 -1.15 5.30
N PHE A 19 -2.19 -0.71 4.04
CA PHE A 19 -3.06 0.42 3.73
C PHE A 19 -4.52 -0.01 3.61
N VAL A 20 -4.76 -1.29 3.29
CA VAL A 20 -6.13 -1.78 3.14
C VAL A 20 -6.92 -1.58 4.42
N GLY A 21 -6.22 -1.46 5.55
CA GLY A 21 -6.88 -1.25 6.82
C GLY A 21 -7.16 0.21 7.09
N CYS A 22 -6.41 1.09 6.43
CA CYS A 22 -6.60 2.53 6.61
C CYS A 22 -7.74 3.04 5.75
N GLY A 23 -7.96 2.38 4.61
CA GLY A 23 -9.02 2.78 3.71
C GLY A 23 -10.41 2.65 4.34
N VAL A 24 -10.61 1.57 5.09
CA VAL A 24 -11.88 1.32 5.75
C VAL A 24 -12.05 2.25 6.96
N LEU A 25 -10.93 2.74 7.49
CA LEU A 25 -10.96 3.63 8.65
C LEU A 25 -11.67 4.93 8.30
N LEU A 26 -11.21 5.59 7.25
CA LEU A 26 -11.81 6.86 6.82
C LEU A 26 -13.22 6.64 6.27
N SER A 27 -13.46 5.45 5.74
CA SER A 27 -14.77 5.11 5.19
C SER A 27 -15.78 4.88 6.31
N LYS A 28 -15.28 4.70 7.53
CA LYS A 28 -16.14 4.48 8.69
C LYS A 28 -16.16 5.71 9.58
N LYS A 29 -15.47 6.76 9.14
CA LYS A 29 -15.40 8.01 9.90
C LYS A 29 -16.80 8.56 10.18
N LYS A 30 -16.90 9.42 11.18
CA LYS A 30 -18.18 10.02 11.55
C LYS A 30 -18.80 10.75 10.37
N LYS A 1 17.86 5.24 -7.61
CA LYS A 1 16.72 5.68 -8.47
C LYS A 1 16.23 4.53 -9.33
N LYS A 2 17.09 3.54 -9.54
CA LYS A 2 16.73 2.38 -10.35
C LYS A 2 15.77 1.47 -9.59
N LYS A 3 15.78 1.59 -8.27
CA LYS A 3 14.91 0.77 -7.41
C LYS A 3 13.48 1.28 -7.45
N LEU A 4 13.31 2.58 -7.72
CA LEU A 4 11.99 3.18 -7.79
C LEU A 4 11.16 2.52 -8.89
N HIS A 5 11.84 1.84 -9.82
CA HIS A 5 11.14 1.18 -10.91
C HIS A 5 10.63 -0.21 -10.52
N PHE A 6 11.55 -1.10 -10.16
CA PHE A 6 11.17 -2.46 -9.77
C PHE A 6 10.95 -2.60 -8.25
N MET A 7 12.00 -2.36 -7.48
CA MET A 7 11.94 -2.50 -6.02
C MET A 7 10.74 -1.74 -5.44
N TYR A 8 10.26 -0.74 -6.17
CA TYR A 8 9.13 0.05 -5.70
C TYR A 8 7.79 -0.58 -6.08
N VAL A 9 7.63 -0.93 -7.36
CA VAL A 9 6.39 -1.55 -7.83
C VAL A 9 6.10 -2.80 -7.03
N ALA A 10 7.15 -3.49 -6.60
CA ALA A 10 7.01 -4.71 -5.81
C ALA A 10 6.55 -4.35 -4.40
N ALA A 11 6.88 -3.14 -3.98
CA ALA A 11 6.51 -2.65 -2.65
C ALA A 11 5.01 -2.35 -2.61
N ALA A 12 4.57 -1.49 -3.53
CA ALA A 12 3.16 -1.10 -3.62
C ALA A 12 2.25 -2.32 -3.56
N ALA A 13 2.78 -3.49 -3.90
CA ALA A 13 2.01 -4.72 -3.89
C ALA A 13 1.89 -5.29 -2.48
N PHE A 14 3.01 -5.35 -1.77
CA PHE A 14 3.01 -5.89 -0.41
C PHE A 14 2.49 -4.87 0.60
N VAL A 15 3.02 -3.65 0.53
CA VAL A 15 2.62 -2.58 1.43
C VAL A 15 1.10 -2.39 1.39
N LEU A 16 0.47 -2.83 0.31
CA LEU A 16 -0.97 -2.70 0.14
C LEU A 16 -1.74 -3.33 1.30
N LEU A 17 -1.16 -4.38 1.89
CA LEU A 17 -1.80 -5.07 3.01
C LEU A 17 -2.04 -4.13 4.19
N PHE A 18 -1.25 -3.06 4.27
CA PHE A 18 -1.39 -2.09 5.35
C PHE A 18 -2.41 -1.02 5.01
N PHE A 19 -2.50 -0.66 3.73
CA PHE A 19 -3.44 0.36 3.27
C PHE A 19 -4.87 -0.18 3.26
N VAL A 20 -5.03 -1.49 3.05
CA VAL A 20 -6.34 -2.10 3.02
C VAL A 20 -6.94 -2.17 4.42
N GLY A 21 -6.08 -2.29 5.43
CA GLY A 21 -6.53 -2.36 6.81
C GLY A 21 -6.73 -0.98 7.42
N CYS A 22 -6.09 0.02 6.83
CA CYS A 22 -6.20 1.39 7.33
C CYS A 22 -7.65 1.82 7.42
N GLY A 23 -8.52 1.17 6.66
CA GLY A 23 -9.93 1.50 6.68
C GLY A 23 -10.59 1.24 8.02
N VAL A 24 -10.23 0.12 8.66
CA VAL A 24 -10.80 -0.24 9.95
C VAL A 24 -10.07 0.45 11.10
N LEU A 25 -8.83 0.88 10.85
CA LEU A 25 -8.03 1.55 11.88
C LEU A 25 -8.73 2.82 12.37
N LEU A 26 -9.18 3.65 11.44
CA LEU A 26 -9.86 4.90 11.79
C LEU A 26 -11.15 4.62 12.55
N SER A 27 -11.73 3.44 12.31
CA SER A 27 -12.97 3.05 12.96
C SER A 27 -12.70 2.42 14.33
N LYS A 28 -11.43 2.06 14.57
CA LYS A 28 -11.04 1.45 15.83
C LYS A 28 -10.57 2.52 16.82
N LYS A 29 -10.26 3.71 16.31
CA LYS A 29 -9.79 4.81 17.14
C LYS A 29 -10.83 5.17 18.19
N LYS A 30 -12.05 5.43 17.75
CA LYS A 30 -13.13 5.80 18.66
C LYS A 30 -14.15 4.66 18.78
N LYS A 1 16.93 5.97 -9.70
CA LYS A 1 15.69 6.07 -10.51
C LYS A 1 15.32 4.71 -11.09
N LYS A 2 16.29 3.79 -11.11
CA LYS A 2 16.06 2.46 -11.64
C LYS A 2 15.43 1.56 -10.58
N LYS A 3 15.80 1.78 -9.32
CA LYS A 3 15.28 1.00 -8.22
C LYS A 3 13.79 1.30 -8.00
N LEU A 4 13.45 2.59 -8.04
CA LEU A 4 12.07 3.03 -7.85
C LEU A 4 11.16 2.38 -8.89
N HIS A 5 11.75 1.94 -10.00
CA HIS A 5 10.96 1.30 -11.05
C HIS A 5 10.49 -0.08 -10.64
N PHE A 6 11.43 -0.99 -10.36
CA PHE A 6 11.09 -2.35 -9.96
C PHE A 6 10.99 -2.51 -8.44
N MET A 7 12.09 -2.23 -7.74
CA MET A 7 12.15 -2.37 -6.30
C MET A 7 10.95 -1.74 -5.59
N TYR A 8 10.38 -0.70 -6.20
CA TYR A 8 9.25 0.00 -5.60
C TYR A 8 7.91 -0.65 -5.95
N VAL A 9 7.68 -0.91 -7.23
CA VAL A 9 6.43 -1.53 -7.67
C VAL A 9 6.17 -2.81 -6.88
N ALA A 10 7.23 -3.57 -6.62
CA ALA A 10 7.13 -4.81 -5.87
C ALA A 10 6.65 -4.51 -4.46
N ALA A 11 7.00 -3.33 -3.96
CA ALA A 11 6.59 -2.92 -2.62
C ALA A 11 5.11 -2.59 -2.60
N ALA A 12 4.68 -1.75 -3.55
CA ALA A 12 3.28 -1.34 -3.64
C ALA A 12 2.36 -2.55 -3.57
N ALA A 13 2.89 -3.72 -3.92
CA ALA A 13 2.12 -4.95 -3.90
C ALA A 13 1.92 -5.46 -2.47
N PHE A 14 3.00 -5.49 -1.70
CA PHE A 14 2.94 -5.97 -0.32
C PHE A 14 2.42 -4.88 0.61
N VAL A 15 3.01 -3.70 0.54
CA VAL A 15 2.60 -2.57 1.38
C VAL A 15 1.10 -2.33 1.28
N LEU A 16 0.49 -2.80 0.20
CA LEU A 16 -0.95 -2.64 -0.02
C LEU A 16 -1.75 -3.20 1.16
N LEU A 17 -1.22 -4.24 1.78
CA LEU A 17 -1.89 -4.89 2.91
C LEU A 17 -2.15 -3.90 4.05
N PHE A 18 -1.32 -2.85 4.11
CA PHE A 18 -1.46 -1.84 5.17
C PHE A 18 -2.44 -0.75 4.76
N PHE A 19 -2.54 -0.47 3.46
CA PHE A 19 -3.43 0.56 2.96
C PHE A 19 -4.87 0.06 2.87
N VAL A 20 -5.04 -1.24 2.66
CA VAL A 20 -6.37 -1.82 2.57
C VAL A 20 -7.07 -1.79 3.92
N GLY A 21 -6.29 -1.58 4.98
CA GLY A 21 -6.85 -1.53 6.32
C GLY A 21 -7.51 -0.20 6.63
N CYS A 22 -6.98 0.88 6.06
CA CYS A 22 -7.54 2.21 6.28
C CYS A 22 -8.70 2.48 5.35
N GLY A 23 -8.79 1.71 4.27
CA GLY A 23 -9.87 1.89 3.30
C GLY A 23 -11.25 1.75 3.92
N VAL A 24 -11.36 0.89 4.93
CA VAL A 24 -12.62 0.66 5.61
C VAL A 24 -12.99 1.83 6.53
N LEU A 25 -11.98 2.59 6.92
CA LEU A 25 -12.19 3.74 7.81
C LEU A 25 -12.80 4.92 7.05
N LEU A 26 -12.47 5.03 5.77
CA LEU A 26 -12.98 6.12 4.94
C LEU A 26 -14.52 6.08 4.85
N SER A 27 -15.08 4.88 4.81
CA SER A 27 -16.52 4.72 4.72
C SER A 27 -17.18 4.74 6.10
N LYS A 28 -16.36 4.81 7.14
CA LYS A 28 -16.87 4.83 8.50
C LYS A 28 -16.71 6.22 9.13
N LYS A 29 -15.91 7.07 8.48
CA LYS A 29 -15.67 8.41 8.98
C LYS A 29 -16.55 9.42 8.26
N LYS A 30 -17.04 9.04 7.08
CA LYS A 30 -17.90 9.92 6.29
C LYS A 30 -17.22 11.25 6.01
N LYS A 1 16.22 6.19 -9.09
CA LYS A 1 15.04 5.95 -9.95
C LYS A 1 14.91 4.48 -10.31
N LYS A 2 16.04 3.77 -10.30
CA LYS A 2 16.06 2.35 -10.61
C LYS A 2 15.21 1.56 -9.61
N LYS A 3 15.49 1.75 -8.33
CA LYS A 3 14.76 1.06 -7.27
C LYS A 3 13.30 1.51 -7.27
N LEU A 4 13.06 2.74 -7.69
CA LEU A 4 11.71 3.29 -7.75
C LEU A 4 10.89 2.59 -8.83
N HIS A 5 11.58 1.92 -9.76
CA HIS A 5 10.89 1.24 -10.85
C HIS A 5 10.48 -0.18 -10.46
N PHE A 6 11.46 -1.04 -10.15
CA PHE A 6 11.16 -2.42 -9.78
C PHE A 6 11.01 -2.60 -8.28
N MET A 7 12.07 -2.31 -7.54
CA MET A 7 12.06 -2.47 -6.08
C MET A 7 10.86 -1.78 -5.44
N TYR A 8 10.33 -0.77 -6.13
CA TYR A 8 9.19 -0.03 -5.61
C TYR A 8 7.85 -0.67 -5.99
N VAL A 9 7.70 -1.04 -7.26
CA VAL A 9 6.46 -1.67 -7.71
C VAL A 9 6.17 -2.93 -6.91
N ALA A 10 7.23 -3.67 -6.59
CA ALA A 10 7.10 -4.89 -5.81
C ALA A 10 6.64 -4.56 -4.40
N ALA A 11 6.89 -3.32 -3.99
CA ALA A 11 6.50 -2.86 -2.66
C ALA A 11 5.01 -2.52 -2.63
N ALA A 12 4.59 -1.66 -3.55
CA ALA A 12 3.20 -1.24 -3.65
C ALA A 12 2.26 -2.44 -3.61
N ALA A 13 2.79 -3.61 -3.97
CA ALA A 13 2.01 -4.84 -3.98
C ALA A 13 1.88 -5.41 -2.56
N PHE A 14 2.98 -5.42 -1.82
CA PHE A 14 3.00 -5.93 -0.45
C PHE A 14 2.46 -4.89 0.52
N VAL A 15 3.06 -3.70 0.51
CA VAL A 15 2.66 -2.62 1.39
C VAL A 15 1.16 -2.37 1.32
N LEU A 16 0.53 -2.80 0.24
CA LEU A 16 -0.89 -2.62 0.04
C LEU A 16 -1.70 -3.16 1.22
N LEU A 17 -1.20 -4.24 1.83
CA LEU A 17 -1.88 -4.88 2.96
C LEU A 17 -2.07 -3.87 4.10
N PHE A 18 -1.23 -2.85 4.15
CA PHE A 18 -1.31 -1.83 5.20
C PHE A 18 -2.26 -0.71 4.81
N PHE A 19 -2.24 -0.34 3.53
CA PHE A 19 -3.09 0.75 3.03
C PHE A 19 -4.55 0.33 2.86
N VAL A 20 -4.79 -0.97 2.70
CA VAL A 20 -6.15 -1.46 2.51
C VAL A 20 -7.02 -1.17 3.73
N GLY A 21 -6.38 -0.91 4.86
CA GLY A 21 -7.10 -0.62 6.09
C GLY A 21 -7.49 0.84 6.21
N CYS A 22 -6.48 1.72 6.19
CA CYS A 22 -6.70 3.16 6.30
C CYS A 22 -7.27 3.74 5.02
N GLY A 23 -7.13 2.99 3.93
CA GLY A 23 -7.62 3.43 2.63
C GLY A 23 -9.06 3.93 2.67
N VAL A 24 -9.83 3.45 3.64
CA VAL A 24 -11.23 3.85 3.77
C VAL A 24 -11.34 5.36 3.98
N LEU A 25 -10.41 5.91 4.74
CA LEU A 25 -10.40 7.34 5.03
C LEU A 25 -9.84 8.13 3.84
N LEU A 26 -8.83 7.57 3.20
CA LEU A 26 -8.19 8.22 2.05
C LEU A 26 -9.17 8.39 0.89
N SER A 27 -9.96 7.34 0.64
CA SER A 27 -10.94 7.35 -0.45
C SER A 27 -11.90 8.53 -0.30
N LYS A 28 -12.28 8.82 0.93
CA LYS A 28 -13.20 9.93 1.21
C LYS A 28 -12.43 11.21 1.51
N LYS A 29 -11.13 11.08 1.75
CA LYS A 29 -10.29 12.22 2.05
C LYS A 29 -10.02 13.05 0.79
N LYS A 30 -10.04 12.39 -0.36
CA LYS A 30 -9.80 13.06 -1.63
C LYS A 30 -10.92 14.05 -1.94
N LYS A 1 16.96 5.71 -8.98
CA LYS A 1 15.91 5.73 -10.03
C LYS A 1 15.66 4.32 -10.57
N LYS A 2 16.57 3.41 -10.26
CA LYS A 2 16.45 2.03 -10.70
C LYS A 2 15.55 1.23 -9.76
N LYS A 3 15.63 1.55 -8.48
CA LYS A 3 14.83 0.86 -7.46
C LYS A 3 13.38 1.33 -7.51
N LEU A 4 13.19 2.62 -7.78
CA LEU A 4 11.84 3.20 -7.84
C LEU A 4 11.02 2.51 -8.94
N HIS A 5 11.71 1.83 -9.86
CA HIS A 5 11.02 1.16 -10.96
C HIS A 5 10.56 -0.24 -10.53
N PHE A 6 11.50 -1.11 -10.19
CA PHE A 6 11.16 -2.47 -9.78
C PHE A 6 10.99 -2.59 -8.26
N MET A 7 12.06 -2.31 -7.53
CA MET A 7 12.05 -2.41 -6.07
C MET A 7 10.84 -1.69 -5.45
N TYR A 8 10.32 -0.70 -6.16
CA TYR A 8 9.18 0.06 -5.65
C TYR A 8 7.84 -0.59 -6.03
N VAL A 9 7.69 -0.96 -7.31
CA VAL A 9 6.45 -1.59 -7.76
C VAL A 9 6.14 -2.83 -6.94
N ALA A 10 7.19 -3.55 -6.54
CA ALA A 10 7.04 -4.75 -5.74
C ALA A 10 6.57 -4.39 -4.34
N ALA A 11 6.90 -3.16 -3.92
CA ALA A 11 6.51 -2.67 -2.60
C ALA A 11 5.02 -2.36 -2.56
N ALA A 12 4.58 -1.51 -3.47
CA ALA A 12 3.17 -1.11 -3.55
C ALA A 12 2.25 -2.32 -3.52
N ALA A 13 2.77 -3.47 -3.90
CA ALA A 13 1.99 -4.71 -3.92
C ALA A 13 1.86 -5.31 -2.53
N PHE A 14 2.97 -5.36 -1.79
CA PHE A 14 2.98 -5.91 -0.44
C PHE A 14 2.46 -4.89 0.57
N VAL A 15 3.05 -3.69 0.54
CA VAL A 15 2.65 -2.63 1.45
C VAL A 15 1.15 -2.38 1.40
N LEU A 16 0.53 -2.80 0.29
CA LEU A 16 -0.90 -2.62 0.10
C LEU A 16 -1.69 -3.22 1.27
N LEU A 17 -1.20 -4.34 1.80
CA LEU A 17 -1.86 -5.02 2.92
C LEU A 17 -2.10 -4.08 4.10
N PHE A 18 -1.29 -3.03 4.19
CA PHE A 18 -1.43 -2.07 5.27
C PHE A 18 -2.41 -0.95 4.91
N PHE A 19 -2.53 -0.65 3.63
CA PHE A 19 -3.42 0.41 3.16
C PHE A 19 -4.86 -0.07 3.01
N VAL A 20 -5.05 -1.37 2.84
CA VAL A 20 -6.40 -1.93 2.68
C VAL A 20 -7.33 -1.47 3.79
N GLY A 21 -6.77 -1.30 5.00
CA GLY A 21 -7.57 -0.86 6.14
C GLY A 21 -7.66 0.64 6.21
N CYS A 22 -6.57 1.32 5.85
CA CYS A 22 -6.53 2.78 5.88
C CYS A 22 -7.44 3.38 4.81
N GLY A 23 -7.80 2.56 3.82
CA GLY A 23 -8.66 3.02 2.75
C GLY A 23 -9.89 3.77 3.25
N VAL A 24 -10.60 3.17 4.19
CA VAL A 24 -11.81 3.79 4.74
C VAL A 24 -11.45 5.02 5.58
N LEU A 25 -10.28 4.97 6.21
CA LEU A 25 -9.82 6.08 7.03
C LEU A 25 -9.43 7.28 6.17
N LEU A 26 -9.13 7.02 4.90
CA LEU A 26 -8.74 8.07 3.97
C LEU A 26 -9.95 8.91 3.57
N SER A 27 -11.08 8.23 3.37
CA SER A 27 -12.32 8.92 3.00
C SER A 27 -12.82 9.80 4.14
N LYS A 28 -12.34 9.53 5.34
CA LYS A 28 -12.74 10.28 6.52
C LYS A 28 -11.90 11.54 6.67
N LYS A 29 -10.63 11.45 6.26
CA LYS A 29 -9.72 12.58 6.35
C LYS A 29 -9.74 13.39 5.06
N LYS A 30 -10.77 13.18 4.25
CA LYS A 30 -10.91 13.89 2.98
C LYS A 30 -11.27 15.35 3.22
N LYS A 1 17.15 5.35 -8.30
CA LYS A 1 16.51 5.56 -9.62
C LYS A 1 16.03 4.25 -10.21
N LYS A 2 16.81 3.19 -10.01
CA LYS A 2 16.47 1.88 -10.53
C LYS A 2 15.51 1.14 -9.58
N LYS A 3 15.64 1.44 -8.29
CA LYS A 3 14.80 0.83 -7.28
C LYS A 3 13.39 1.40 -7.32
N LEU A 4 13.24 2.58 -7.91
CA LEU A 4 11.94 3.23 -8.01
C LEU A 4 11.07 2.52 -9.04
N HIS A 5 11.70 1.76 -9.93
CA HIS A 5 10.96 1.05 -10.96
C HIS A 5 10.47 -0.31 -10.49
N PHE A 6 11.40 -1.21 -10.16
CA PHE A 6 11.03 -2.55 -9.71
C PHE A 6 10.91 -2.65 -8.19
N MET A 7 12.01 -2.41 -7.48
CA MET A 7 12.03 -2.50 -6.03
C MET A 7 10.89 -1.70 -5.39
N TYR A 8 10.38 -0.72 -6.13
CA TYR A 8 9.31 0.13 -5.62
C TYR A 8 7.93 -0.48 -5.91
N VAL A 9 7.70 -0.86 -7.17
CA VAL A 9 6.41 -1.45 -7.55
C VAL A 9 6.12 -2.69 -6.71
N ALA A 10 7.17 -3.45 -6.41
CA ALA A 10 7.03 -4.66 -5.60
C ALA A 10 6.55 -4.31 -4.20
N ALA A 11 6.83 -3.07 -3.79
CA ALA A 11 6.42 -2.59 -2.48
C ALA A 11 4.95 -2.23 -2.48
N ALA A 12 4.56 -1.36 -3.42
CA ALA A 12 3.17 -0.93 -3.53
C ALA A 12 2.21 -2.12 -3.53
N ALA A 13 2.73 -3.29 -3.89
CA ALA A 13 1.92 -4.50 -3.92
C ALA A 13 1.83 -5.15 -2.54
N PHE A 14 2.97 -5.21 -1.85
CA PHE A 14 3.03 -5.80 -0.52
C PHE A 14 2.45 -4.86 0.53
N VAL A 15 2.94 -3.63 0.54
CA VAL A 15 2.48 -2.62 1.47
C VAL A 15 0.95 -2.48 1.41
N LEU A 16 0.37 -2.91 0.30
CA LEU A 16 -1.07 -2.83 0.10
C LEU A 16 -1.83 -3.50 1.24
N LEU A 17 -1.25 -4.56 1.79
CA LEU A 17 -1.87 -5.30 2.89
C LEU A 17 -2.19 -4.39 4.07
N PHE A 18 -1.45 -3.29 4.17
CA PHE A 18 -1.66 -2.34 5.26
C PHE A 18 -2.71 -1.31 4.90
N PHE A 19 -2.77 -0.94 3.62
CA PHE A 19 -3.73 0.05 3.15
C PHE A 19 -5.13 -0.54 3.02
N VAL A 20 -5.21 -1.85 2.83
CA VAL A 20 -6.50 -2.53 2.68
C VAL A 20 -7.22 -2.64 4.03
N GLY A 21 -6.45 -2.59 5.11
CA GLY A 21 -7.03 -2.66 6.44
C GLY A 21 -7.67 -1.36 6.87
N CYS A 22 -6.92 -0.27 6.71
CA CYS A 22 -7.40 1.05 7.08
C CYS A 22 -8.29 1.64 5.97
N GLY A 23 -8.15 1.09 4.77
CA GLY A 23 -8.93 1.57 3.64
C GLY A 23 -10.43 1.60 3.93
N VAL A 24 -10.92 0.55 4.58
CA VAL A 24 -12.34 0.48 4.91
C VAL A 24 -12.72 1.51 5.97
N LEU A 25 -11.75 1.90 6.80
CA LEU A 25 -11.99 2.89 7.84
C LEU A 25 -12.27 4.25 7.23
N LEU A 26 -11.54 4.58 6.17
CA LEU A 26 -11.71 5.86 5.49
C LEU A 26 -13.02 5.89 4.69
N SER A 27 -13.41 4.73 4.18
CA SER A 27 -14.64 4.61 3.40
C SER A 27 -15.87 4.84 4.28
N LYS A 28 -15.69 4.63 5.59
CA LYS A 28 -16.78 4.82 6.54
C LYS A 28 -16.78 6.24 7.09
N LYS A 29 -15.62 6.88 7.07
CA LYS A 29 -15.48 8.24 7.57
C LYS A 29 -15.50 9.25 6.41
N LYS A 30 -15.47 10.53 6.76
CA LYS A 30 -15.48 11.60 5.76
C LYS A 30 -16.72 11.51 4.87
N LYS A 1 14.97 6.19 -9.90
CA LYS A 1 14.65 5.96 -11.33
C LYS A 1 14.77 4.49 -11.69
N LYS A 2 15.92 3.90 -11.35
CA LYS A 2 16.16 2.49 -11.64
C LYS A 2 15.51 1.60 -10.58
N LYS A 3 15.89 1.81 -9.33
CA LYS A 3 15.34 1.03 -8.22
C LYS A 3 13.86 1.33 -8.03
N LEU A 4 13.50 2.61 -8.15
CA LEU A 4 12.11 3.04 -8.01
C LEU A 4 11.22 2.33 -9.03
N HIS A 5 11.84 1.82 -10.08
CA HIS A 5 11.08 1.13 -11.13
C HIS A 5 10.58 -0.23 -10.65
N PHE A 6 11.51 -1.12 -10.31
CA PHE A 6 11.15 -2.47 -9.85
C PHE A 6 11.02 -2.54 -8.33
N MET A 7 12.11 -2.27 -7.62
CA MET A 7 12.14 -2.34 -6.17
C MET A 7 10.93 -1.66 -5.52
N TYR A 8 10.38 -0.65 -6.19
CA TYR A 8 9.24 0.08 -5.64
C TYR A 8 7.91 -0.57 -6.01
N VAL A 9 7.71 -0.90 -7.29
CA VAL A 9 6.46 -1.52 -7.71
C VAL A 9 6.18 -2.78 -6.90
N ALA A 10 7.25 -3.50 -6.57
CA ALA A 10 7.12 -4.72 -5.78
C ALA A 10 6.62 -4.38 -4.38
N ALA A 11 6.95 -3.18 -3.93
CA ALA A 11 6.52 -2.71 -2.61
C ALA A 11 5.04 -2.36 -2.62
N ALA A 12 4.64 -1.49 -3.55
CA ALA A 12 3.24 -1.07 -3.67
C ALA A 12 2.30 -2.27 -3.64
N ALA A 13 2.81 -3.44 -3.98
CA ALA A 13 2.01 -4.65 -4.00
C ALA A 13 1.85 -5.25 -2.60
N PHE A 14 2.96 -5.30 -1.86
CA PHE A 14 2.95 -5.86 -0.51
C PHE A 14 2.42 -4.85 0.52
N VAL A 15 2.95 -3.63 0.46
CA VAL A 15 2.55 -2.58 1.38
C VAL A 15 1.02 -2.40 1.43
N LEU A 16 0.34 -2.82 0.37
CA LEU A 16 -1.12 -2.70 0.30
C LEU A 16 -1.78 -3.36 1.52
N LEU A 17 -1.19 -4.44 1.99
CA LEU A 17 -1.73 -5.17 3.14
C LEU A 17 -1.90 -4.25 4.36
N PHE A 18 -1.11 -3.18 4.41
CA PHE A 18 -1.18 -2.23 5.52
C PHE A 18 -2.23 -1.15 5.26
N PHE A 19 -2.36 -0.73 4.01
CA PHE A 19 -3.32 0.32 3.64
C PHE A 19 -4.74 -0.22 3.60
N VAL A 20 -4.89 -1.53 3.41
CA VAL A 20 -6.22 -2.14 3.35
C VAL A 20 -6.87 -2.21 4.74
N GLY A 21 -6.06 -2.52 5.75
CA GLY A 21 -6.56 -2.60 7.11
C GLY A 21 -6.65 -1.26 7.79
N CYS A 22 -5.82 -0.32 7.32
CA CYS A 22 -5.80 1.02 7.90
C CYS A 22 -6.89 1.90 7.30
N GLY A 23 -7.41 1.47 6.15
CA GLY A 23 -8.47 2.22 5.49
C GLY A 23 -9.63 2.56 6.41
N VAL A 24 -9.88 1.71 7.39
CA VAL A 24 -10.98 1.93 8.33
C VAL A 24 -10.56 2.92 9.43
N LEU A 25 -9.26 2.94 9.72
CA LEU A 25 -8.73 3.83 10.75
C LEU A 25 -9.04 5.30 10.42
N LEU A 26 -9.11 5.60 9.13
CA LEU A 26 -9.39 6.96 8.68
C LEU A 26 -10.85 7.33 8.93
N SER A 27 -11.74 6.34 8.82
CA SER A 27 -13.16 6.56 9.02
C SER A 27 -13.54 6.44 10.49
N LYS A 28 -12.59 5.99 11.31
CA LYS A 28 -12.84 5.83 12.75
C LYS A 28 -12.13 6.90 13.56
N LYS A 29 -11.18 7.60 12.92
CA LYS A 29 -10.44 8.65 13.61
C LYS A 29 -11.25 9.94 13.69
N LYS A 30 -12.32 10.01 12.90
CA LYS A 30 -13.19 11.18 12.89
C LYS A 30 -14.64 10.79 12.63
N LYS A 1 16.49 6.02 -11.67
CA LYS A 1 15.16 5.54 -11.24
C LYS A 1 15.01 4.05 -11.51
N LYS A 2 16.11 3.32 -11.46
CA LYS A 2 16.10 1.89 -11.69
C LYS A 2 15.41 1.15 -10.56
N LYS A 3 15.79 1.48 -9.33
CA LYS A 3 15.20 0.85 -8.15
C LYS A 3 13.73 1.22 -8.01
N LEU A 4 13.43 2.50 -8.14
CA LEU A 4 12.05 2.98 -8.02
C LEU A 4 11.16 2.28 -9.04
N HIS A 5 11.75 1.77 -10.11
CA HIS A 5 10.98 1.09 -11.15
C HIS A 5 10.49 -0.27 -10.68
N PHE A 6 11.43 -1.17 -10.37
CA PHE A 6 11.07 -2.51 -9.91
C PHE A 6 10.97 -2.61 -8.38
N MET A 7 12.07 -2.29 -7.71
CA MET A 7 12.15 -2.37 -6.25
C MET A 7 10.96 -1.68 -5.57
N TYR A 8 10.44 -0.64 -6.18
CA TYR A 8 9.32 0.10 -5.60
C TYR A 8 7.96 -0.54 -5.93
N VAL A 9 7.73 -0.83 -7.21
CA VAL A 9 6.47 -1.44 -7.61
C VAL A 9 6.20 -2.71 -6.80
N ALA A 10 7.25 -3.45 -6.50
CA ALA A 10 7.13 -4.67 -5.72
C ALA A 10 6.63 -4.34 -4.32
N ALA A 11 7.00 -3.17 -3.83
CA ALA A 11 6.58 -2.72 -2.50
C ALA A 11 5.10 -2.41 -2.49
N ALA A 12 4.66 -1.56 -3.41
CA ALA A 12 3.26 -1.17 -3.52
C ALA A 12 2.34 -2.39 -3.50
N ALA A 13 2.89 -3.54 -3.86
CA ALA A 13 2.12 -4.78 -3.88
C ALA A 13 1.99 -5.37 -2.48
N PHE A 14 3.08 -5.33 -1.72
CA PHE A 14 3.10 -5.86 -0.36
C PHE A 14 2.49 -4.86 0.62
N VAL A 15 3.01 -3.64 0.61
CA VAL A 15 2.53 -2.58 1.49
C VAL A 15 1.02 -2.39 1.36
N LEU A 16 0.47 -2.83 0.24
CA LEU A 16 -0.96 -2.71 -0.03
C LEU A 16 -1.81 -3.32 1.09
N LEU A 17 -1.29 -4.37 1.71
CA LEU A 17 -2.01 -5.05 2.78
C LEU A 17 -2.35 -4.10 3.93
N PHE A 18 -1.56 -3.05 4.09
CA PHE A 18 -1.79 -2.08 5.16
C PHE A 18 -2.82 -1.02 4.73
N PHE A 19 -2.88 -0.77 3.42
CA PHE A 19 -3.82 0.22 2.89
C PHE A 19 -5.22 -0.37 2.70
N VAL A 20 -5.29 -1.68 2.56
CA VAL A 20 -6.57 -2.36 2.37
C VAL A 20 -7.27 -2.62 3.70
N GLY A 21 -6.47 -2.85 4.74
CA GLY A 21 -7.03 -3.11 6.05
C GLY A 21 -7.68 -1.89 6.67
N CYS A 22 -7.33 -0.72 6.17
CA CYS A 22 -7.87 0.54 6.68
C CYS A 22 -9.25 0.84 6.07
N GLY A 23 -9.46 0.34 4.85
CA GLY A 23 -10.73 0.57 4.18
C GLY A 23 -11.90 -0.08 4.89
N VAL A 24 -11.66 -1.25 5.47
CA VAL A 24 -12.71 -1.97 6.18
C VAL A 24 -12.84 -1.46 7.62
N LEU A 25 -11.75 -0.93 8.16
CA LEU A 25 -11.73 -0.41 9.52
C LEU A 25 -12.74 0.73 9.68
N LEU A 26 -12.57 1.79 8.89
CA LEU A 26 -13.46 2.94 8.96
C LEU A 26 -14.88 2.57 8.55
N SER A 27 -14.99 1.58 7.66
CA SER A 27 -16.30 1.12 7.19
C SER A 27 -16.97 0.25 8.24
N LYS A 28 -16.27 -0.02 9.33
CA LYS A 28 -16.81 -0.84 10.41
C LYS A 28 -17.30 0.03 11.55
N LYS A 29 -16.48 0.98 11.98
CA LYS A 29 -16.84 1.89 13.06
C LYS A 29 -18.11 2.65 12.74
N LYS A 30 -19.16 2.42 13.53
CA LYS A 30 -20.44 3.10 13.34
C LYS A 30 -20.98 2.84 11.93
N LYS A 1 15.70 5.76 -10.28
CA LYS A 1 15.17 5.43 -11.63
C LYS A 1 15.02 3.93 -11.82
N LYS A 2 16.06 3.19 -11.46
CA LYS A 2 16.03 1.72 -11.58
C LYS A 2 15.40 1.09 -10.35
N LYS A 3 15.74 1.63 -9.18
CA LYS A 3 15.20 1.13 -7.92
C LYS A 3 13.71 1.42 -7.82
N LEU A 4 13.34 2.67 -8.02
CA LEU A 4 11.94 3.08 -7.97
C LEU A 4 11.13 2.32 -9.01
N HIS A 5 11.80 1.76 -10.00
CA HIS A 5 11.11 1.02 -11.05
C HIS A 5 10.64 -0.35 -10.56
N PHE A 6 11.58 -1.20 -10.14
CA PHE A 6 11.23 -2.54 -9.65
C PHE A 6 11.01 -2.58 -8.14
N MET A 7 12.02 -2.18 -7.39
CA MET A 7 11.97 -2.20 -5.93
C MET A 7 10.69 -1.55 -5.39
N TYR A 8 10.17 -0.56 -6.11
CA TYR A 8 8.98 0.15 -5.66
C TYR A 8 7.69 -0.55 -6.09
N VAL A 9 7.60 -0.95 -7.37
CA VAL A 9 6.40 -1.63 -7.86
C VAL A 9 6.11 -2.87 -7.02
N ALA A 10 7.16 -3.53 -6.57
CA ALA A 10 7.04 -4.72 -5.74
C ALA A 10 6.58 -4.34 -4.34
N ALA A 11 6.84 -3.09 -3.97
CA ALA A 11 6.44 -2.58 -2.67
C ALA A 11 4.96 -2.28 -2.61
N ALA A 12 4.51 -1.40 -3.51
CA ALA A 12 3.11 -1.02 -3.58
C ALA A 12 2.18 -2.23 -3.54
N ALA A 13 2.71 -3.38 -3.91
CA ALA A 13 1.93 -4.62 -3.93
C ALA A 13 1.85 -5.24 -2.54
N PHE A 14 2.98 -5.29 -1.83
CA PHE A 14 3.01 -5.87 -0.49
C PHE A 14 2.53 -4.87 0.56
N VAL A 15 3.06 -3.65 0.51
CA VAL A 15 2.67 -2.61 1.46
C VAL A 15 1.16 -2.40 1.47
N LEU A 16 0.51 -2.78 0.37
CA LEU A 16 -0.94 -2.62 0.24
C LEU A 16 -1.67 -3.34 1.36
N LEU A 17 -1.10 -4.43 1.85
CA LEU A 17 -1.71 -5.22 2.92
C LEU A 17 -1.96 -4.37 4.17
N PHE A 18 -1.19 -3.29 4.33
CA PHE A 18 -1.34 -2.41 5.48
C PHE A 18 -2.38 -1.32 5.22
N PHE A 19 -2.50 -0.89 3.97
CA PHE A 19 -3.45 0.16 3.60
C PHE A 19 -4.85 -0.38 3.38
N VAL A 20 -4.97 -1.65 3.04
CA VAL A 20 -6.27 -2.26 2.80
C VAL A 20 -7.13 -2.28 4.07
N GLY A 21 -6.47 -2.40 5.22
CA GLY A 21 -7.18 -2.42 6.47
C GLY A 21 -7.46 -1.03 7.01
N CYS A 22 -6.46 -0.16 6.93
CA CYS A 22 -6.60 1.21 7.42
C CYS A 22 -7.58 2.00 6.55
N GLY A 23 -7.77 1.53 5.32
CA GLY A 23 -8.68 2.21 4.40
C GLY A 23 -10.12 2.15 4.85
N VAL A 24 -10.55 0.98 5.30
CA VAL A 24 -11.93 0.79 5.75
C VAL A 24 -12.10 1.24 7.20
N LEU A 25 -10.99 1.29 7.94
CA LEU A 25 -11.01 1.69 9.34
C LEU A 25 -11.67 3.06 9.51
N LEU A 26 -11.17 4.06 8.79
CA LEU A 26 -11.71 5.42 8.86
C LEU A 26 -13.15 5.46 8.37
N SER A 27 -13.50 4.55 7.47
CA SER A 27 -14.85 4.49 6.92
C SER A 27 -15.77 3.67 7.81
N LYS A 28 -15.20 2.99 8.80
CA LYS A 28 -15.97 2.16 9.71
C LYS A 28 -16.30 2.92 10.99
N LYS A 29 -15.37 3.78 11.42
CA LYS A 29 -15.55 4.56 12.63
C LYS A 29 -16.63 5.64 12.43
N LYS A 30 -17.59 5.67 13.35
CA LYS A 30 -18.68 6.65 13.30
C LYS A 30 -19.40 6.58 11.95
N LYS A 1 16.92 4.99 -9.64
CA LYS A 1 16.11 4.76 -10.86
C LYS A 1 15.62 3.32 -10.94
N LYS A 2 16.58 2.39 -11.05
CA LYS A 2 16.24 0.97 -11.14
C LYS A 2 15.49 0.52 -9.89
N LYS A 3 15.85 1.08 -8.74
CA LYS A 3 15.20 0.74 -7.48
C LYS A 3 13.73 1.14 -7.51
N LEU A 4 13.49 2.43 -7.69
CA LEU A 4 12.12 2.96 -7.74
C LEU A 4 11.33 2.28 -8.85
N HIS A 5 12.04 1.74 -9.84
CA HIS A 5 11.37 1.07 -10.96
C HIS A 5 10.80 -0.27 -10.54
N PHE A 6 11.66 -1.19 -10.11
CA PHE A 6 11.21 -2.52 -9.69
C PHE A 6 10.93 -2.60 -8.18
N MET A 7 11.96 -2.32 -7.38
CA MET A 7 11.85 -2.39 -5.93
C MET A 7 10.60 -1.68 -5.41
N TYR A 8 10.17 -0.64 -6.10
CA TYR A 8 9.00 0.13 -5.68
C TYR A 8 7.69 -0.49 -6.16
N VAL A 9 7.60 -0.83 -7.44
CA VAL A 9 6.38 -1.43 -7.99
C VAL A 9 6.01 -2.68 -7.19
N ALA A 10 7.03 -3.39 -6.72
CA ALA A 10 6.81 -4.59 -5.93
C ALA A 10 6.35 -4.22 -4.52
N ALA A 11 6.77 -3.03 -4.07
CA ALA A 11 6.40 -2.53 -2.76
C ALA A 11 4.91 -2.21 -2.71
N ALA A 12 4.47 -1.35 -3.62
CA ALA A 12 3.07 -0.95 -3.70
C ALA A 12 2.14 -2.16 -3.64
N ALA A 13 2.66 -3.33 -3.99
CA ALA A 13 1.88 -4.56 -3.98
C ALA A 13 1.81 -5.16 -2.58
N PHE A 14 2.97 -5.25 -1.91
CA PHE A 14 3.02 -5.83 -0.57
C PHE A 14 2.54 -4.83 0.48
N VAL A 15 3.06 -3.61 0.42
CA VAL A 15 2.69 -2.56 1.36
C VAL A 15 1.16 -2.41 1.44
N LEU A 16 0.47 -2.83 0.39
CA LEU A 16 -0.98 -2.75 0.33
C LEU A 16 -1.62 -3.45 1.53
N LEU A 17 -0.98 -4.50 2.01
CA LEU A 17 -1.48 -5.27 3.15
C LEU A 17 -1.65 -4.39 4.38
N PHE A 18 -0.88 -3.31 4.47
CA PHE A 18 -0.96 -2.41 5.61
C PHE A 18 -2.05 -1.36 5.39
N PHE A 19 -2.33 -1.05 4.12
CA PHE A 19 -3.34 -0.06 3.78
C PHE A 19 -4.74 -0.67 3.79
N VAL A 20 -4.81 -1.99 3.63
CA VAL A 20 -6.09 -2.69 3.63
C VAL A 20 -6.54 -3.01 5.05
N GLY A 21 -5.60 -2.97 5.99
CA GLY A 21 -5.90 -3.27 7.38
C GLY A 21 -6.46 -2.08 8.13
N CYS A 22 -6.04 -0.88 7.73
CA CYS A 22 -6.50 0.34 8.39
C CYS A 22 -8.02 0.47 8.30
N GLY A 23 -8.58 -0.01 7.19
CA GLY A 23 -10.01 0.05 7.00
C GLY A 23 -10.77 -0.72 8.08
N VAL A 24 -10.24 -1.86 8.48
CA VAL A 24 -10.87 -2.68 9.50
C VAL A 24 -10.52 -2.17 10.90
N LEU A 25 -9.40 -1.46 11.00
CA LEU A 25 -8.95 -0.92 12.27
C LEU A 25 -9.97 0.09 12.82
N LEU A 26 -10.40 1.01 11.97
CA LEU A 26 -11.37 2.03 12.36
C LEU A 26 -12.68 1.38 12.79
N SER A 27 -12.97 0.19 12.28
CA SER A 27 -14.19 -0.52 12.61
C SER A 27 -14.01 -1.32 13.89
N LYS A 28 -12.77 -1.49 14.33
CA LYS A 28 -12.47 -2.25 15.53
C LYS A 28 -12.35 -1.31 16.74
N LYS A 29 -11.94 -0.07 16.49
CA LYS A 29 -11.79 0.92 17.54
C LYS A 29 -13.12 1.18 18.24
N LYS A 30 -13.06 1.52 19.52
CA LYS A 30 -14.26 1.80 20.30
C LYS A 30 -14.66 3.26 20.17
N LYS A 1 16.33 6.16 -10.27
CA LYS A 1 15.00 5.58 -10.61
C LYS A 1 15.11 4.08 -10.87
N LYS A 2 16.25 3.50 -10.49
CA LYS A 2 16.48 2.07 -10.67
C LYS A 2 15.60 1.26 -9.73
N LYS A 3 15.65 1.59 -8.44
CA LYS A 3 14.87 0.89 -7.44
C LYS A 3 13.43 1.39 -7.42
N LEU A 4 13.24 2.65 -7.81
CA LEU A 4 11.92 3.25 -7.83
C LEU A 4 11.04 2.58 -8.90
N HIS A 5 11.67 1.89 -9.84
CA HIS A 5 10.93 1.23 -10.90
C HIS A 5 10.49 -0.18 -10.51
N PHE A 6 11.45 -1.06 -10.23
CA PHE A 6 11.13 -2.44 -9.86
C PHE A 6 11.01 -2.63 -8.35
N MET A 7 12.10 -2.38 -7.64
CA MET A 7 12.13 -2.55 -6.19
C MET A 7 10.97 -1.81 -5.52
N TYR A 8 10.43 -0.80 -6.19
CA TYR A 8 9.32 -0.03 -5.64
C TYR A 8 7.97 -0.64 -5.98
N VAL A 9 7.72 -0.94 -7.25
CA VAL A 9 6.46 -1.53 -7.67
C VAL A 9 6.15 -2.79 -6.86
N ALA A 10 7.18 -3.56 -6.56
CA ALA A 10 7.02 -4.78 -5.78
C ALA A 10 6.51 -4.44 -4.38
N ALA A 11 6.90 -3.25 -3.90
CA ALA A 11 6.49 -2.79 -2.58
C ALA A 11 5.01 -2.43 -2.58
N ALA A 12 4.61 -1.62 -3.56
CA ALA A 12 3.21 -1.20 -3.68
C ALA A 12 2.26 -2.39 -3.61
N ALA A 13 2.79 -3.57 -3.92
CA ALA A 13 2.01 -4.79 -3.90
C ALA A 13 1.90 -5.36 -2.49
N PHE A 14 3.01 -5.30 -1.74
CA PHE A 14 3.03 -5.79 -0.37
C PHE A 14 2.43 -4.78 0.60
N VAL A 15 2.93 -3.55 0.53
CA VAL A 15 2.45 -2.47 1.39
C VAL A 15 0.93 -2.33 1.30
N LEU A 16 0.36 -2.83 0.22
CA LEU A 16 -1.09 -2.76 -0.01
C LEU A 16 -1.85 -3.38 1.16
N LEU A 17 -1.25 -4.37 1.82
CA LEU A 17 -1.89 -5.05 2.94
C LEU A 17 -2.22 -4.07 4.07
N PHE A 18 -1.49 -2.96 4.13
CA PHE A 18 -1.72 -1.96 5.16
C PHE A 18 -2.77 -0.94 4.73
N PHE A 19 -2.89 -0.74 3.42
CA PHE A 19 -3.86 0.21 2.88
C PHE A 19 -5.26 -0.39 2.78
N VAL A 20 -5.33 -1.71 2.58
CA VAL A 20 -6.60 -2.40 2.47
C VAL A 20 -7.38 -2.34 3.77
N GLY A 21 -6.66 -2.19 4.88
CA GLY A 21 -7.30 -2.12 6.18
C GLY A 21 -8.18 -0.88 6.33
N CYS A 22 -7.72 0.23 5.76
CA CYS A 22 -8.46 1.48 5.83
C CYS A 22 -9.54 1.53 4.76
N GLY A 23 -9.39 0.69 3.73
CA GLY A 23 -10.36 0.66 2.65
C GLY A 23 -11.79 0.47 3.13
N VAL A 24 -11.94 -0.21 4.26
CA VAL A 24 -13.26 -0.46 4.82
C VAL A 24 -13.96 0.86 5.16
N LEU A 25 -13.19 1.85 5.59
CA LEU A 25 -13.73 3.16 5.94
C LEU A 25 -14.22 3.90 4.69
N LEU A 26 -13.68 3.52 3.53
CA LEU A 26 -14.05 4.14 2.27
C LEU A 26 -15.35 3.55 1.73
N SER A 27 -15.68 2.34 2.19
CA SER A 27 -16.89 1.65 1.76
C SER A 27 -18.12 2.25 2.44
N LYS A 28 -17.91 2.80 3.63
CA LYS A 28 -19.00 3.40 4.39
C LYS A 28 -19.00 4.92 4.25
N LYS A 29 -17.84 5.53 4.50
CA LYS A 29 -17.68 6.98 4.39
C LYS A 29 -18.79 7.71 5.13
N LYS A 30 -18.58 7.96 6.43
CA LYS A 30 -19.57 8.65 7.25
C LYS A 30 -19.26 10.14 7.34
N LYS A 1 17.34 5.96 -9.02
CA LYS A 1 15.91 5.78 -9.35
C LYS A 1 15.66 4.39 -9.93
N LYS A 2 16.71 3.58 -9.97
CA LYS A 2 16.61 2.22 -10.51
C LYS A 2 15.69 1.36 -9.63
N LYS A 3 15.66 1.67 -8.34
CA LYS A 3 14.82 0.92 -7.41
C LYS A 3 13.37 1.42 -7.45
N LEU A 4 13.19 2.68 -7.85
CA LEU A 4 11.85 3.26 -7.93
C LEU A 4 11.02 2.56 -8.99
N HIS A 5 11.68 1.87 -9.93
CA HIS A 5 10.97 1.18 -10.99
C HIS A 5 10.50 -0.22 -10.56
N PHE A 6 11.46 -1.09 -10.24
CA PHE A 6 11.12 -2.45 -9.84
C PHE A 6 10.98 -2.60 -8.32
N MET A 7 12.07 -2.33 -7.60
CA MET A 7 12.08 -2.46 -6.14
C MET A 7 10.91 -1.72 -5.50
N TYR A 8 10.37 -0.72 -6.20
CA TYR A 8 9.26 0.06 -5.67
C TYR A 8 7.91 -0.57 -6.01
N VAL A 9 7.69 -0.91 -7.28
CA VAL A 9 6.43 -1.52 -7.69
C VAL A 9 6.13 -2.76 -6.86
N ALA A 10 7.17 -3.55 -6.57
CA ALA A 10 7.02 -4.75 -5.78
C ALA A 10 6.56 -4.40 -4.37
N ALA A 11 6.90 -3.20 -3.93
CA ALA A 11 6.50 -2.73 -2.61
C ALA A 11 5.02 -2.40 -2.58
N ALA A 12 4.60 -1.54 -3.50
CA ALA A 12 3.19 -1.14 -3.58
C ALA A 12 2.26 -2.34 -3.52
N ALA A 13 2.78 -3.51 -3.86
CA ALA A 13 2.01 -4.75 -3.84
C ALA A 13 1.97 -5.35 -2.44
N PHE A 14 3.15 -5.49 -1.81
CA PHE A 14 3.25 -6.07 -0.48
C PHE A 14 2.69 -5.10 0.57
N VAL A 15 3.10 -3.84 0.50
CA VAL A 15 2.63 -2.83 1.43
C VAL A 15 1.11 -2.73 1.40
N LEU A 16 0.53 -2.99 0.23
CA LEU A 16 -0.92 -2.93 0.06
C LEU A 16 -1.59 -3.90 1.02
N LEU A 17 -0.86 -4.96 1.37
CA LEU A 17 -1.36 -5.97 2.28
C LEU A 17 -1.72 -5.38 3.64
N PHE A 18 -1.10 -4.26 3.98
CA PHE A 18 -1.38 -3.59 5.24
C PHE A 18 -2.54 -2.61 5.06
N PHE A 19 -2.70 -2.11 3.84
CA PHE A 19 -3.76 -1.15 3.54
C PHE A 19 -5.08 -1.87 3.27
N VAL A 20 -5.01 -3.14 2.87
CA VAL A 20 -6.21 -3.93 2.59
C VAL A 20 -6.95 -4.27 3.88
N GLY A 21 -6.23 -4.19 5.00
CA GLY A 21 -6.83 -4.49 6.29
C GLY A 21 -7.62 -3.32 6.84
N CYS A 22 -7.35 -2.13 6.31
CA CYS A 22 -8.04 -0.93 6.76
C CYS A 22 -9.53 -1.00 6.40
N GLY A 23 -9.84 -1.73 5.33
CA GLY A 23 -11.22 -1.86 4.92
C GLY A 23 -12.07 -2.60 5.94
N VAL A 24 -11.62 -3.79 6.32
CA VAL A 24 -12.33 -4.60 7.31
C VAL A 24 -12.24 -3.97 8.69
N LEU A 25 -11.24 -3.12 8.89
CA LEU A 25 -11.04 -2.44 10.16
C LEU A 25 -12.30 -1.71 10.61
N LEU A 26 -13.06 -1.20 9.64
CA LEU A 26 -14.29 -0.47 9.93
C LEU A 26 -15.28 -1.35 10.67
N SER A 27 -15.26 -2.65 10.36
CA SER A 27 -16.16 -3.61 11.01
C SER A 27 -15.65 -3.95 12.41
N LYS A 28 -14.34 -3.86 12.60
CA LYS A 28 -13.73 -4.15 13.89
C LYS A 28 -13.64 -2.89 14.75
N LYS A 29 -14.01 -1.75 14.16
CA LYS A 29 -13.96 -0.48 14.85
C LYS A 29 -14.91 -0.48 16.05
N LYS A 30 -14.33 -0.61 17.24
CA LYS A 30 -15.13 -0.64 18.47
C LYS A 30 -15.09 0.72 19.17
N LYS A 1 16.36 5.47 -8.33
CA LYS A 1 15.85 5.30 -9.72
C LYS A 1 15.68 3.83 -10.07
N LYS A 2 16.80 3.12 -10.16
CA LYS A 2 16.77 1.69 -10.48
C LYS A 2 15.92 0.92 -9.48
N LYS A 3 15.88 1.41 -8.25
CA LYS A 3 15.10 0.77 -7.20
C LYS A 3 13.64 1.16 -7.32
N LEU A 4 13.39 2.46 -7.47
CA LEU A 4 12.03 2.97 -7.60
C LEU A 4 11.30 2.28 -8.74
N HIS A 5 12.06 1.71 -9.68
CA HIS A 5 11.44 1.04 -10.81
C HIS A 5 10.87 -0.31 -10.42
N PHE A 6 11.72 -1.22 -9.97
CA PHE A 6 11.27 -2.56 -9.55
C PHE A 6 10.96 -2.63 -8.07
N MET A 7 11.96 -2.32 -7.24
CA MET A 7 11.82 -2.37 -5.79
C MET A 7 10.56 -1.67 -5.30
N TYR A 8 10.12 -0.65 -6.02
CA TYR A 8 8.94 0.11 -5.62
C TYR A 8 7.65 -0.51 -6.14
N VAL A 9 7.59 -0.82 -7.44
CA VAL A 9 6.39 -1.44 -8.01
C VAL A 9 6.01 -2.70 -7.24
N ALA A 10 7.03 -3.44 -6.82
CA ALA A 10 6.82 -4.66 -6.05
C ALA A 10 6.39 -4.32 -4.63
N ALA A 11 6.79 -3.15 -4.18
CA ALA A 11 6.45 -2.67 -2.84
C ALA A 11 4.97 -2.34 -2.77
N ALA A 12 4.52 -1.47 -3.66
CA ALA A 12 3.11 -1.05 -3.71
C ALA A 12 2.18 -2.26 -3.66
N ALA A 13 2.69 -3.43 -4.04
CA ALA A 13 1.91 -4.65 -4.03
C ALA A 13 1.85 -5.27 -2.64
N PHE A 14 2.99 -5.31 -1.95
CA PHE A 14 3.07 -5.88 -0.61
C PHE A 14 2.57 -4.87 0.43
N VAL A 15 3.13 -3.67 0.39
CA VAL A 15 2.78 -2.61 1.33
C VAL A 15 1.26 -2.40 1.37
N LEU A 16 0.57 -2.83 0.31
CA LEU A 16 -0.87 -2.69 0.23
C LEU A 16 -1.56 -3.27 1.47
N LEU A 17 -1.00 -4.35 1.99
CA LEU A 17 -1.55 -5.03 3.15
C LEU A 17 -1.71 -4.07 4.33
N PHE A 18 -0.93 -2.99 4.34
CA PHE A 18 -1.00 -2.00 5.41
C PHE A 18 -2.05 -0.94 5.12
N PHE A 19 -2.30 -0.69 3.83
CA PHE A 19 -3.26 0.31 3.41
C PHE A 19 -4.70 -0.22 3.41
N VAL A 20 -4.84 -1.54 3.30
CA VAL A 20 -6.18 -2.15 3.28
C VAL A 20 -6.96 -1.80 4.54
N GLY A 21 -6.24 -1.50 5.61
CA GLY A 21 -6.89 -1.14 6.86
C GLY A 21 -7.27 0.31 6.93
N CYS A 22 -6.53 1.15 6.20
CA CYS A 22 -6.79 2.58 6.17
C CYS A 22 -7.91 2.92 5.19
N GLY A 23 -8.16 1.99 4.26
CA GLY A 23 -9.20 2.20 3.27
C GLY A 23 -10.56 2.47 3.88
N VAL A 24 -10.70 2.15 5.16
CA VAL A 24 -11.95 2.34 5.88
C VAL A 24 -12.40 3.81 5.83
N LEU A 25 -11.43 4.71 5.86
CA LEU A 25 -11.72 6.15 5.82
C LEU A 25 -11.88 6.62 4.38
N LEU A 26 -11.20 5.95 3.46
CA LEU A 26 -11.27 6.32 2.04
C LEU A 26 -12.69 6.18 1.51
N SER A 27 -13.47 5.30 2.14
CA SER A 27 -14.85 5.07 1.73
C SER A 27 -15.75 6.18 2.24
N LYS A 28 -15.34 6.84 3.32
CA LYS A 28 -16.11 7.92 3.90
C LYS A 28 -15.88 9.22 3.14
N LYS A 29 -14.69 9.35 2.55
CA LYS A 29 -14.34 10.55 1.78
C LYS A 29 -15.16 10.62 0.49
N LYS A 30 -15.15 11.78 -0.14
CA LYS A 30 -15.88 11.99 -1.39
C LYS A 30 -17.37 11.67 -1.21
N LYS A 1 16.07 6.10 -8.93
CA LYS A 1 15.39 6.11 -10.24
C LYS A 1 15.19 4.69 -10.77
N LYS A 2 16.31 4.00 -11.01
CA LYS A 2 16.25 2.63 -11.51
C LYS A 2 15.69 1.69 -10.44
N LYS A 3 15.84 2.09 -9.18
CA LYS A 3 15.34 1.30 -8.07
C LYS A 3 13.85 1.51 -7.86
N LEU A 4 13.40 2.75 -8.03
CA LEU A 4 11.99 3.09 -7.88
C LEU A 4 11.16 2.33 -8.91
N HIS A 5 11.81 1.85 -9.97
CA HIS A 5 11.11 1.13 -11.01
C HIS A 5 10.63 -0.24 -10.53
N PHE A 6 11.57 -1.09 -10.12
CA PHE A 6 11.23 -2.44 -9.66
C PHE A 6 10.96 -2.52 -8.15
N MET A 7 11.95 -2.13 -7.35
CA MET A 7 11.84 -2.19 -5.89
C MET A 7 10.56 -1.56 -5.38
N TYR A 8 10.03 -0.57 -6.10
CA TYR A 8 8.83 0.12 -5.67
C TYR A 8 7.56 -0.58 -6.15
N VAL A 9 7.50 -0.96 -7.43
CA VAL A 9 6.31 -1.64 -7.95
C VAL A 9 6.01 -2.89 -7.12
N ALA A 10 7.07 -3.55 -6.67
CA ALA A 10 6.92 -4.74 -5.84
C ALA A 10 6.49 -4.35 -4.44
N ALA A 11 6.80 -3.12 -4.06
CA ALA A 11 6.45 -2.60 -2.75
C ALA A 11 4.95 -2.31 -2.67
N ALA A 12 4.49 -1.41 -3.54
CA ALA A 12 3.08 -1.03 -3.58
C ALA A 12 2.17 -2.25 -3.56
N ALA A 13 2.69 -3.39 -3.97
CA ALA A 13 1.92 -4.63 -4.00
C ALA A 13 1.83 -5.25 -2.61
N PHE A 14 2.97 -5.33 -1.93
CA PHE A 14 3.01 -5.91 -0.59
C PHE A 14 2.55 -4.91 0.47
N VAL A 15 3.15 -3.72 0.46
CA VAL A 15 2.79 -2.66 1.40
C VAL A 15 1.30 -2.39 1.40
N LEU A 16 0.62 -2.76 0.33
CA LEU A 16 -0.81 -2.55 0.20
C LEU A 16 -1.57 -3.17 1.38
N LEU A 17 -1.02 -4.22 1.95
CA LEU A 17 -1.64 -4.90 3.09
C LEU A 17 -1.81 -3.96 4.28
N PHE A 18 -0.96 -2.93 4.34
CA PHE A 18 -1.02 -1.96 5.44
C PHE A 18 -1.99 -0.83 5.12
N PHE A 19 -2.16 -0.52 3.83
CA PHE A 19 -3.06 0.55 3.42
C PHE A 19 -4.51 0.09 3.34
N VAL A 20 -4.72 -1.19 3.02
CA VAL A 20 -6.07 -1.73 2.92
C VAL A 20 -6.84 -1.55 4.23
N GLY A 21 -6.12 -1.64 5.34
CA GLY A 21 -6.75 -1.46 6.63
C GLY A 21 -6.86 -0.01 7.02
N CYS A 22 -6.03 0.83 6.41
CA CYS A 22 -6.02 2.26 6.67
C CYS A 22 -7.11 2.96 5.85
N GLY A 23 -7.57 2.30 4.80
CA GLY A 23 -8.60 2.87 3.95
C GLY A 23 -9.80 3.38 4.73
N VAL A 24 -10.17 2.66 5.78
CA VAL A 24 -11.32 3.04 6.60
C VAL A 24 -11.02 4.32 7.38
N LEU A 25 -9.76 4.53 7.71
CA LEU A 25 -9.34 5.72 8.45
C LEU A 25 -9.59 6.99 7.63
N LEU A 26 -9.34 6.90 6.33
CA LEU A 26 -9.53 8.04 5.43
C LEU A 26 -11.02 8.33 5.23
N SER A 27 -11.84 7.28 5.32
CA SER A 27 -13.28 7.43 5.14
C SER A 27 -13.86 8.33 6.23
N LYS A 28 -13.28 8.26 7.42
CA LYS A 28 -13.74 9.07 8.55
C LYS A 28 -13.12 10.46 8.50
N LYS A 29 -12.15 10.65 7.61
CA LYS A 29 -11.48 11.94 7.45
C LYS A 29 -12.02 12.69 6.25
N LYS A 30 -11.42 13.84 5.95
CA LYS A 30 -11.85 14.65 4.82
C LYS A 30 -11.11 14.24 3.55
N LYS A 1 17.81 5.83 -8.66
CA LYS A 1 16.33 5.78 -8.78
C LYS A 1 15.89 4.51 -9.49
N LYS A 2 16.84 3.60 -9.74
CA LYS A 2 16.55 2.35 -10.42
C LYS A 2 15.66 1.46 -9.56
N LYS A 3 15.63 1.74 -8.25
CA LYS A 3 14.82 0.97 -7.32
C LYS A 3 13.36 1.41 -7.38
N LEU A 4 13.15 2.67 -7.74
CA LEU A 4 11.79 3.23 -7.83
C LEU A 4 11.00 2.50 -8.91
N HIS A 5 11.69 1.82 -9.82
CA HIS A 5 11.02 1.11 -10.90
C HIS A 5 10.58 -0.29 -10.49
N PHE A 6 11.55 -1.14 -10.14
CA PHE A 6 11.24 -2.52 -9.74
C PHE A 6 11.04 -2.66 -8.23
N MET A 7 12.09 -2.36 -7.47
CA MET A 7 12.05 -2.48 -6.02
C MET A 7 10.85 -1.76 -5.41
N TYR A 8 10.33 -0.77 -6.12
CA TYR A 8 9.19 0.01 -5.63
C TYR A 8 7.86 -0.64 -6.02
N VAL A 9 7.70 -1.00 -7.28
CA VAL A 9 6.46 -1.62 -7.75
C VAL A 9 6.13 -2.86 -6.92
N ALA A 10 7.16 -3.58 -6.49
CA ALA A 10 6.98 -4.77 -5.68
C ALA A 10 6.51 -4.39 -4.28
N ALA A 11 6.85 -3.17 -3.87
CA ALA A 11 6.47 -2.67 -2.56
C ALA A 11 4.98 -2.33 -2.53
N ALA A 12 4.55 -1.48 -3.45
CA ALA A 12 3.15 -1.07 -3.53
C ALA A 12 2.22 -2.28 -3.48
N ALA A 13 2.74 -3.44 -3.84
CA ALA A 13 1.94 -4.66 -3.85
C ALA A 13 1.89 -5.30 -2.44
N PHE A 14 3.04 -5.33 -1.78
CA PHE A 14 3.13 -5.91 -0.43
C PHE A 14 2.58 -4.94 0.61
N VAL A 15 3.06 -3.69 0.57
CA VAL A 15 2.62 -2.68 1.51
C VAL A 15 1.09 -2.55 1.49
N LEU A 16 0.51 -2.76 0.31
CA LEU A 16 -0.94 -2.68 0.15
C LEU A 16 -1.63 -3.67 1.07
N LEU A 17 -0.99 -4.81 1.27
CA LEU A 17 -1.51 -5.87 2.13
C LEU A 17 -1.85 -5.34 3.52
N PHE A 18 -1.20 -4.25 3.93
CA PHE A 18 -1.47 -3.64 5.23
C PHE A 18 -2.60 -2.63 5.12
N PHE A 19 -2.73 -2.01 3.96
CA PHE A 19 -3.76 -1.00 3.73
C PHE A 19 -5.11 -1.63 3.35
N VAL A 20 -5.07 -2.86 2.83
CA VAL A 20 -6.29 -3.55 2.43
C VAL A 20 -7.19 -3.81 3.64
N GLY A 21 -6.59 -3.82 4.83
CA GLY A 21 -7.36 -4.07 6.04
C GLY A 21 -8.07 -2.82 6.53
N CYS A 22 -7.63 -1.66 6.05
CA CYS A 22 -8.23 -0.39 6.44
C CYS A 22 -9.61 -0.23 5.84
N GLY A 23 -9.90 -1.02 4.80
CA GLY A 23 -11.20 -0.97 4.15
C GLY A 23 -12.36 -1.12 5.11
N VAL A 24 -12.28 -2.12 5.98
CA VAL A 24 -13.34 -2.38 6.95
C VAL A 24 -13.31 -1.36 8.08
N LEU A 25 -12.11 -0.87 8.39
CA LEU A 25 -11.94 0.11 9.45
C LEU A 25 -12.66 1.41 9.11
N LEU A 26 -12.45 1.90 7.90
CA LEU A 26 -13.09 3.14 7.45
C LEU A 26 -14.60 3.04 7.53
N SER A 27 -15.14 1.87 7.19
CA SER A 27 -16.57 1.64 7.23
C SER A 27 -17.10 1.76 8.65
N LYS A 28 -16.21 1.58 9.62
CA LYS A 28 -16.56 1.66 11.03
C LYS A 28 -16.31 3.07 11.57
N LYS A 29 -15.42 3.81 10.89
CA LYS A 29 -15.09 5.16 11.29
C LYS A 29 -16.30 6.08 11.20
N LYS A 30 -16.13 7.33 11.64
CA LYS A 30 -17.21 8.31 11.60
C LYS A 30 -17.00 9.31 10.45
N LYS A 1 16.61 6.88 -9.69
CA LYS A 1 15.23 6.34 -9.60
C LYS A 1 15.14 4.96 -10.25
N LYS A 2 16.27 4.27 -10.32
CA LYS A 2 16.34 2.95 -10.91
C LYS A 2 15.55 1.95 -10.08
N LYS A 3 15.80 1.94 -8.78
CA LYS A 3 15.11 1.03 -7.86
C LYS A 3 13.62 1.35 -7.82
N LEU A 4 13.29 2.62 -7.97
CA LEU A 4 11.89 3.06 -7.94
C LEU A 4 11.08 2.33 -9.01
N HIS A 5 11.76 1.77 -10.01
CA HIS A 5 11.08 1.06 -11.07
C HIS A 5 10.59 -0.31 -10.61
N PHE A 6 11.51 -1.17 -10.22
CA PHE A 6 11.15 -2.52 -9.76
C PHE A 6 10.96 -2.59 -8.25
N MET A 7 11.99 -2.23 -7.50
CA MET A 7 11.95 -2.27 -6.03
C MET A 7 10.70 -1.59 -5.46
N TYR A 8 10.17 -0.61 -6.18
CA TYR A 8 9.00 0.12 -5.70
C TYR A 8 7.70 -0.57 -6.11
N VAL A 9 7.57 -0.94 -7.38
CA VAL A 9 6.35 -1.59 -7.85
C VAL A 9 6.06 -2.84 -7.02
N ALA A 10 7.12 -3.54 -6.63
CA ALA A 10 6.98 -4.74 -5.82
C ALA A 10 6.58 -4.37 -4.41
N ALA A 11 6.89 -3.14 -4.03
CA ALA A 11 6.55 -2.63 -2.70
C ALA A 11 5.07 -2.29 -2.60
N ALA A 12 4.61 -1.42 -3.49
CA ALA A 12 3.22 -0.99 -3.51
C ALA A 12 2.26 -2.18 -3.45
N ALA A 13 2.75 -3.35 -3.84
CA ALA A 13 1.95 -4.56 -3.83
C ALA A 13 1.87 -5.18 -2.43
N PHE A 14 3.03 -5.38 -1.81
CA PHE A 14 3.09 -5.98 -0.48
C PHE A 14 2.65 -4.97 0.58
N VAL A 15 3.18 -3.76 0.52
CA VAL A 15 2.84 -2.72 1.48
C VAL A 15 1.34 -2.50 1.53
N LEU A 16 0.68 -2.68 0.38
CA LEU A 16 -0.77 -2.51 0.30
C LEU A 16 -1.47 -3.43 1.29
N LEU A 17 -0.83 -4.56 1.56
CA LEU A 17 -1.36 -5.55 2.48
C LEU A 17 -1.60 -4.95 3.87
N PHE A 18 -0.85 -3.90 4.20
CA PHE A 18 -1.01 -3.24 5.48
C PHE A 18 -2.07 -2.16 5.38
N PHE A 19 -2.25 -1.62 4.18
CA PHE A 19 -3.23 -0.57 3.94
C PHE A 19 -4.63 -1.15 3.75
N VAL A 20 -4.70 -2.42 3.35
CA VAL A 20 -5.98 -3.09 3.13
C VAL A 20 -6.64 -3.42 4.47
N GLY A 21 -5.83 -3.60 5.50
CA GLY A 21 -6.34 -3.92 6.81
C GLY A 21 -6.74 -2.70 7.60
N CYS A 22 -6.01 -1.60 7.41
CA CYS A 22 -6.30 -0.35 8.10
C CYS A 22 -7.64 0.22 7.64
N GLY A 23 -8.01 -0.07 6.40
CA GLY A 23 -9.27 0.41 5.88
C GLY A 23 -10.47 -0.16 6.61
N VAL A 24 -10.31 -1.38 7.13
CA VAL A 24 -11.37 -2.05 7.86
C VAL A 24 -11.75 -1.26 9.12
N LEU A 25 -10.77 -0.56 9.67
CA LEU A 25 -10.99 0.24 10.87
C LEU A 25 -12.03 1.33 10.61
N LEU A 26 -12.02 1.88 9.40
CA LEU A 26 -12.95 2.93 9.01
C LEU A 26 -14.36 2.37 8.90
N SER A 27 -14.47 1.10 8.54
CA SER A 27 -15.76 0.45 8.39
C SER A 27 -16.39 0.18 9.76
N LYS A 28 -15.55 -0.18 10.73
CA LYS A 28 -16.00 -0.47 12.09
C LYS A 28 -16.25 0.82 12.86
N LYS A 29 -15.57 1.89 12.45
CA LYS A 29 -15.71 3.18 13.10
C LYS A 29 -17.02 3.85 12.71
N LYS A 30 -17.19 4.11 11.42
CA LYS A 30 -18.39 4.75 10.91
C LYS A 30 -19.59 3.80 11.00
N LYS A 1 17.01 5.27 -11.13
CA LYS A 1 15.57 5.04 -11.42
C LYS A 1 15.26 3.55 -11.49
N LYS A 2 16.30 2.73 -11.37
CA LYS A 2 16.13 1.28 -11.43
C LYS A 2 15.40 0.76 -10.20
N LYS A 3 15.81 1.23 -9.02
CA LYS A 3 15.19 0.79 -7.78
C LYS A 3 13.71 1.16 -7.75
N LEU A 4 13.42 2.45 -7.91
CA LEU A 4 12.06 2.94 -7.92
C LEU A 4 11.23 2.21 -8.98
N HIS A 5 11.91 1.65 -9.97
CA HIS A 5 11.21 0.94 -11.04
C HIS A 5 10.68 -0.40 -10.56
N PHE A 6 11.57 -1.30 -10.14
CA PHE A 6 11.15 -2.62 -9.67
C PHE A 6 10.95 -2.66 -8.15
N MET A 7 11.99 -2.32 -7.41
CA MET A 7 11.96 -2.35 -5.95
C MET A 7 10.73 -1.64 -5.38
N TYR A 8 10.25 -0.61 -6.07
CA TYR A 8 9.10 0.15 -5.61
C TYR A 8 7.77 -0.49 -6.01
N VAL A 9 7.65 -0.89 -7.27
CA VAL A 9 6.41 -1.52 -7.73
C VAL A 9 6.10 -2.76 -6.90
N ALA A 10 7.16 -3.47 -6.50
CA ALA A 10 6.99 -4.67 -5.69
C ALA A 10 6.53 -4.30 -4.29
N ALA A 11 6.80 -3.04 -3.90
CA ALA A 11 6.41 -2.53 -2.60
C ALA A 11 4.92 -2.21 -2.58
N ALA A 12 4.51 -1.31 -3.45
CA ALA A 12 3.10 -0.89 -3.54
C ALA A 12 2.16 -2.09 -3.53
N ALA A 13 2.67 -3.26 -3.92
CA ALA A 13 1.88 -4.48 -3.95
C ALA A 13 1.82 -5.14 -2.57
N PHE A 14 2.97 -5.20 -1.90
CA PHE A 14 3.05 -5.82 -0.58
C PHE A 14 2.57 -4.86 0.51
N VAL A 15 3.09 -3.64 0.49
CA VAL A 15 2.71 -2.62 1.46
C VAL A 15 1.20 -2.43 1.50
N LEU A 16 0.54 -2.77 0.38
CA LEU A 16 -0.92 -2.64 0.28
C LEU A 16 -1.62 -3.41 1.38
N LEU A 17 -1.01 -4.51 1.82
CA LEU A 17 -1.58 -5.36 2.86
C LEU A 17 -1.82 -4.56 4.14
N PHE A 18 -1.05 -3.49 4.33
CA PHE A 18 -1.18 -2.66 5.52
C PHE A 18 -2.25 -1.58 5.32
N PHE A 19 -2.40 -1.13 4.07
CA PHE A 19 -3.37 -0.10 3.74
C PHE A 19 -4.79 -0.68 3.67
N VAL A 20 -4.89 -1.98 3.42
CA VAL A 20 -6.19 -2.65 3.33
C VAL A 20 -6.74 -2.95 4.72
N GLY A 21 -5.86 -2.94 5.72
CA GLY A 21 -6.27 -3.23 7.08
C GLY A 21 -7.01 -2.06 7.72
N CYS A 22 -6.47 -0.86 7.57
CA CYS A 22 -7.09 0.33 8.13
C CYS A 22 -8.48 0.55 7.55
N GLY A 23 -8.67 0.12 6.31
CA GLY A 23 -9.96 0.28 5.65
C GLY A 23 -11.05 -0.49 6.35
N VAL A 24 -10.68 -1.53 7.09
CA VAL A 24 -11.63 -2.35 7.81
C VAL A 24 -11.98 -1.74 9.16
N LEU A 25 -11.05 -0.95 9.70
CA LEU A 25 -11.25 -0.31 10.99
C LEU A 25 -12.51 0.56 10.98
N LEU A 26 -12.71 1.28 9.88
CA LEU A 26 -13.87 2.16 9.74
C LEU A 26 -15.17 1.35 9.88
N SER A 27 -15.14 0.12 9.40
CA SER A 27 -16.32 -0.74 9.47
C SER A 27 -16.58 -1.19 10.90
N LYS A 28 -15.51 -1.50 11.62
CA LYS A 28 -15.62 -1.94 13.01
C LYS A 28 -16.10 -0.80 13.91
N LYS A 29 -15.86 0.43 13.48
CA LYS A 29 -16.27 1.60 14.24
C LYS A 29 -17.76 1.84 14.07
N LYS A 30 -18.32 2.72 14.90
CA LYS A 30 -19.74 3.04 14.85
C LYS A 30 -20.01 4.15 13.84
N LYS A 1 16.37 6.91 -9.41
CA LYS A 1 15.02 6.29 -9.32
C LYS A 1 15.04 4.86 -9.85
N LYS A 2 16.24 4.26 -9.87
CA LYS A 2 16.40 2.90 -10.36
C LYS A 2 15.59 1.92 -9.51
N LYS A 3 15.47 2.21 -8.22
CA LYS A 3 14.73 1.35 -7.30
C LYS A 3 13.25 1.68 -7.34
N LEU A 4 12.94 2.92 -7.71
CA LEU A 4 11.56 3.39 -7.79
C LEU A 4 10.80 2.64 -8.90
N HIS A 5 11.53 2.02 -9.81
CA HIS A 5 10.90 1.31 -10.91
C HIS A 5 10.57 -0.14 -10.55
N PHE A 6 11.58 -0.94 -10.24
CA PHE A 6 11.36 -2.35 -9.91
C PHE A 6 11.17 -2.59 -8.41
N MET A 7 12.18 -2.25 -7.61
CA MET A 7 12.11 -2.47 -6.17
C MET A 7 10.88 -1.81 -5.54
N TYR A 8 10.33 -0.81 -6.23
CA TYR A 8 9.16 -0.11 -5.71
C TYR A 8 7.85 -0.78 -6.13
N VAL A 9 7.75 -1.15 -7.40
CA VAL A 9 6.54 -1.80 -7.91
C VAL A 9 6.24 -3.07 -7.12
N ALA A 10 7.28 -3.76 -6.69
CA ALA A 10 7.15 -4.99 -5.91
C ALA A 10 6.72 -4.66 -4.49
N ALA A 11 6.97 -3.42 -4.08
CA ALA A 11 6.61 -2.97 -2.75
C ALA A 11 5.13 -2.59 -2.68
N ALA A 12 4.71 -1.72 -3.59
CA ALA A 12 3.32 -1.28 -3.65
C ALA A 12 2.35 -2.46 -3.59
N ALA A 13 2.85 -3.63 -3.97
CA ALA A 13 2.04 -4.85 -3.97
C ALA A 13 1.85 -5.40 -2.56
N PHE A 14 2.95 -5.50 -1.81
CA PHE A 14 2.91 -6.02 -0.45
C PHE A 14 2.44 -4.95 0.54
N VAL A 15 3.09 -3.79 0.49
CA VAL A 15 2.76 -2.68 1.38
C VAL A 15 1.27 -2.37 1.36
N LEU A 16 0.59 -2.76 0.28
CA LEU A 16 -0.84 -2.52 0.14
C LEU A 16 -1.61 -3.04 1.35
N LEU A 17 -1.14 -4.14 1.93
CA LEU A 17 -1.78 -4.75 3.08
C LEU A 17 -1.93 -3.77 4.25
N PHE A 18 -1.03 -2.79 4.32
CA PHE A 18 -1.07 -1.80 5.40
C PHE A 18 -2.00 -0.64 5.06
N PHE A 19 -2.21 -0.42 3.76
CA PHE A 19 -3.06 0.68 3.31
C PHE A 19 -4.53 0.31 3.34
N VAL A 20 -4.83 -0.99 3.30
CA VAL A 20 -6.21 -1.46 3.31
C VAL A 20 -7.00 -0.84 4.46
N GLY A 21 -6.29 -0.45 5.52
CA GLY A 21 -6.94 0.15 6.67
C GLY A 21 -7.36 1.58 6.43
N CYS A 22 -6.49 2.35 5.78
CA CYS A 22 -6.77 3.75 5.49
C CYS A 22 -7.62 3.90 4.23
N GLY A 23 -7.62 2.84 3.41
CA GLY A 23 -8.38 2.85 2.17
C GLY A 23 -9.85 3.18 2.39
N VAL A 24 -10.42 2.66 3.47
CA VAL A 24 -11.83 2.90 3.78
C VAL A 24 -12.08 4.38 4.05
N LEU A 25 -11.05 5.08 4.50
CA LEU A 25 -11.16 6.51 4.80
C LEU A 25 -11.17 7.33 3.52
N LEU A 26 -10.22 7.04 2.63
CA LEU A 26 -10.12 7.76 1.36
C LEU A 26 -11.24 7.33 0.43
N SER A 27 -11.89 6.22 0.74
CA SER A 27 -12.98 5.71 -0.08
C SER A 27 -14.25 6.50 0.18
N LYS A 28 -14.33 7.13 1.34
CA LYS A 28 -15.50 7.93 1.71
C LYS A 28 -15.26 9.41 1.39
N LYS A 29 -14.00 9.81 1.42
CA LYS A 29 -13.63 11.20 1.15
C LYS A 29 -13.74 11.49 -0.35
N LYS A 30 -13.59 10.46 -1.16
CA LYS A 30 -13.66 10.59 -2.61
C LYS A 30 -12.64 11.60 -3.12
N LYS A 1 17.41 5.91 -7.79
CA LYS A 1 16.18 6.24 -8.57
C LYS A 1 15.73 5.04 -9.40
N LYS A 2 16.62 4.08 -9.59
CA LYS A 2 16.31 2.89 -10.37
C LYS A 2 15.44 1.93 -9.57
N LYS A 3 15.54 2.01 -8.24
CA LYS A 3 14.75 1.16 -7.36
C LYS A 3 13.28 1.56 -7.40
N LEU A 4 13.02 2.78 -7.87
CA LEU A 4 11.67 3.31 -7.96
C LEU A 4 10.87 2.53 -9.02
N HIS A 5 11.59 1.84 -9.90
CA HIS A 5 10.93 1.09 -10.96
C HIS A 5 10.53 -0.32 -10.52
N PHE A 6 11.51 -1.14 -10.16
CA PHE A 6 11.23 -2.51 -9.73
C PHE A 6 11.05 -2.64 -8.22
N MET A 7 12.10 -2.31 -7.47
CA MET A 7 12.07 -2.42 -6.01
C MET A 7 10.85 -1.70 -5.42
N TYR A 8 10.32 -0.73 -6.15
CA TYR A 8 9.17 0.03 -5.67
C TYR A 8 7.85 -0.65 -6.02
N VAL A 9 7.70 -1.06 -7.28
CA VAL A 9 6.46 -1.72 -7.71
C VAL A 9 6.18 -2.96 -6.86
N ALA A 10 7.24 -3.64 -6.47
CA ALA A 10 7.12 -4.84 -5.64
C ALA A 10 6.69 -4.45 -4.23
N ALA A 11 6.93 -3.20 -3.87
CA ALA A 11 6.57 -2.68 -2.55
C ALA A 11 5.09 -2.31 -2.49
N ALA A 12 4.69 -1.37 -3.35
CA ALA A 12 3.30 -0.91 -3.39
C ALA A 12 2.32 -2.07 -3.42
N ALA A 13 2.78 -3.24 -3.86
CA ALA A 13 1.93 -4.42 -3.93
C ALA A 13 1.80 -5.10 -2.56
N PHE A 14 2.94 -5.29 -1.89
CA PHE A 14 2.94 -5.93 -0.58
C PHE A 14 2.48 -4.96 0.50
N VAL A 15 3.09 -3.78 0.55
CA VAL A 15 2.75 -2.77 1.53
C VAL A 15 1.24 -2.47 1.52
N LEU A 16 0.60 -2.77 0.41
CA LEU A 16 -0.84 -2.55 0.26
C LEU A 16 -1.63 -3.21 1.37
N LEU A 17 -1.15 -4.38 1.82
CA LEU A 17 -1.82 -5.11 2.89
C LEU A 17 -2.03 -4.25 4.13
N PHE A 18 -1.18 -3.26 4.33
CA PHE A 18 -1.29 -2.37 5.47
C PHE A 18 -2.23 -1.19 5.18
N PHE A 19 -2.36 -0.85 3.91
CA PHE A 19 -3.22 0.27 3.50
C PHE A 19 -4.69 -0.15 3.38
N VAL A 20 -4.93 -1.43 3.19
CA VAL A 20 -6.30 -1.94 3.06
C VAL A 20 -7.18 -1.46 4.20
N GLY A 21 -6.56 -1.20 5.36
CA GLY A 21 -7.30 -0.72 6.51
C GLY A 21 -8.01 0.59 6.25
N CYS A 22 -7.35 1.49 5.52
CA CYS A 22 -7.92 2.79 5.19
C CYS A 22 -9.13 2.63 4.28
N GLY A 23 -9.20 1.50 3.59
CA GLY A 23 -10.32 1.24 2.69
C GLY A 23 -11.66 1.30 3.39
N VAL A 24 -11.68 0.88 4.65
CA VAL A 24 -12.91 0.88 5.44
C VAL A 24 -13.32 2.31 5.80
N LEU A 25 -12.34 3.20 5.87
CA LEU A 25 -12.59 4.59 6.20
C LEU A 25 -13.25 5.32 5.03
N LEU A 26 -13.09 4.76 3.84
CA LEU A 26 -13.67 5.36 2.63
C LEU A 26 -15.14 4.96 2.49
N SER A 27 -15.51 3.84 3.10
CA SER A 27 -16.89 3.35 3.04
C SER A 27 -17.73 3.99 4.15
N LYS A 28 -17.15 4.12 5.32
CA LYS A 28 -17.85 4.72 6.46
C LYS A 28 -17.63 6.22 6.52
N LYS A 29 -16.36 6.63 6.48
CA LYS A 29 -16.00 8.05 6.53
C LYS A 29 -16.67 8.74 7.73
N LYS A 30 -16.01 8.70 8.87
CA LYS A 30 -16.54 9.31 10.08
C LYS A 30 -16.39 10.83 10.02
N LYS A 1 17.62 5.69 -9.53
CA LYS A 1 16.19 5.88 -9.86
C LYS A 1 15.60 4.62 -10.50
N LYS A 2 16.46 3.63 -10.75
CA LYS A 2 16.04 2.38 -11.36
C LYS A 2 15.26 1.53 -10.35
N LYS A 3 15.52 1.76 -9.07
CA LYS A 3 14.85 1.01 -8.00
C LYS A 3 13.39 1.46 -7.87
N LEU A 4 13.13 2.72 -8.20
CA LEU A 4 11.79 3.28 -8.12
C LEU A 4 10.87 2.55 -9.10
N HIS A 5 11.46 1.87 -10.07
CA HIS A 5 10.68 1.15 -11.07
C HIS A 5 10.29 -0.25 -10.59
N PHE A 6 11.29 -1.10 -10.32
CA PHE A 6 11.01 -2.46 -9.87
C PHE A 6 10.99 -2.58 -8.35
N MET A 7 12.11 -2.27 -7.70
CA MET A 7 12.23 -2.36 -6.26
C MET A 7 11.09 -1.65 -5.54
N TYR A 8 10.49 -0.67 -6.21
CA TYR A 8 9.40 0.09 -5.62
C TYR A 8 8.05 -0.59 -5.85
N VAL A 9 7.75 -0.95 -7.10
CA VAL A 9 6.49 -1.60 -7.43
C VAL A 9 6.29 -2.85 -6.58
N ALA A 10 7.38 -3.59 -6.37
CA ALA A 10 7.32 -4.79 -5.55
C ALA A 10 6.80 -4.47 -4.17
N ALA A 11 7.08 -3.26 -3.71
CA ALA A 11 6.62 -2.80 -2.41
C ALA A 11 5.14 -2.44 -2.45
N ALA A 12 4.78 -1.57 -3.40
CA ALA A 12 3.39 -1.13 -3.55
C ALA A 12 2.42 -2.31 -3.59
N ALA A 13 2.93 -3.49 -3.94
CA ALA A 13 2.11 -4.69 -4.02
C ALA A 13 1.94 -5.33 -2.64
N PHE A 14 3.01 -5.34 -1.86
CA PHE A 14 2.97 -5.93 -0.52
C PHE A 14 2.36 -4.95 0.48
N VAL A 15 2.91 -3.74 0.52
CA VAL A 15 2.43 -2.70 1.42
C VAL A 15 0.94 -2.47 1.28
N LEU A 16 0.41 -2.78 0.09
CA LEU A 16 -1.01 -2.60 -0.20
C LEU A 16 -1.88 -3.36 0.80
N LEU A 17 -1.36 -4.49 1.29
CA LEU A 17 -2.09 -5.32 2.25
C LEU A 17 -2.46 -4.52 3.50
N PHE A 18 -1.69 -3.48 3.79
CA PHE A 18 -1.94 -2.64 4.96
C PHE A 18 -2.92 -1.53 4.64
N PHE A 19 -2.94 -1.10 3.38
CA PHE A 19 -3.83 -0.03 2.94
C PHE A 19 -5.23 -0.56 2.65
N VAL A 20 -5.33 -1.86 2.37
CA VAL A 20 -6.62 -2.48 2.06
C VAL A 20 -7.37 -2.82 3.34
N GLY A 21 -6.65 -2.89 4.46
CA GLY A 21 -7.28 -3.21 5.72
C GLY A 21 -8.07 -2.05 6.29
N CYS A 22 -7.73 -0.84 5.87
CA CYS A 22 -8.43 0.36 6.34
C CYS A 22 -9.90 0.35 5.95
N GLY A 23 -10.20 -0.34 4.85
CA GLY A 23 -11.57 -0.42 4.38
C GLY A 23 -12.49 -1.10 5.38
N VAL A 24 -11.92 -1.93 6.23
CA VAL A 24 -12.70 -2.65 7.24
C VAL A 24 -13.00 -1.74 8.43
N LEU A 25 -12.13 -0.79 8.68
CA LEU A 25 -12.30 0.15 9.79
C LEU A 25 -13.43 1.13 9.52
N LEU A 26 -13.65 1.42 8.25
CA LEU A 26 -14.71 2.35 7.84
C LEU A 26 -16.04 1.62 7.68
N SER A 27 -15.98 0.39 7.18
CA SER A 27 -17.18 -0.41 6.98
C SER A 27 -17.90 -0.68 8.30
N LYS A 28 -17.12 -0.80 9.37
CA LYS A 28 -17.67 -1.05 10.69
C LYS A 28 -17.80 0.24 11.48
N LYS A 29 -16.70 0.99 11.55
CA LYS A 29 -16.67 2.26 12.28
C LYS A 29 -17.19 2.09 13.70
N LYS A 30 -16.34 1.55 14.57
CA LYS A 30 -16.71 1.32 15.96
C LYS A 30 -16.75 2.65 16.73
N LYS A 1 16.98 5.33 -9.79
CA LYS A 1 15.92 5.24 -10.83
C LYS A 1 15.44 3.80 -11.01
N LYS A 2 16.34 2.93 -11.45
CA LYS A 2 16.01 1.52 -11.67
C LYS A 2 15.39 0.89 -10.43
N LYS A 3 15.85 1.31 -9.27
CA LYS A 3 15.31 0.79 -8.01
C LYS A 3 13.83 1.15 -7.88
N LEU A 4 13.52 2.40 -8.14
CA LEU A 4 12.14 2.87 -8.06
C LEU A 4 11.28 2.13 -9.08
N HIS A 5 11.90 1.58 -10.11
CA HIS A 5 11.16 0.86 -11.13
C HIS A 5 10.62 -0.46 -10.60
N PHE A 6 11.51 -1.36 -10.18
CA PHE A 6 11.09 -2.66 -9.65
C PHE A 6 10.90 -2.66 -8.13
N MET A 7 11.97 -2.38 -7.41
CA MET A 7 11.96 -2.38 -5.94
C MET A 7 10.76 -1.63 -5.38
N TYR A 8 10.27 -0.63 -6.10
CA TYR A 8 9.14 0.15 -5.62
C TYR A 8 7.79 -0.46 -6.01
N VAL A 9 7.64 -0.84 -7.28
CA VAL A 9 6.38 -1.44 -7.74
C VAL A 9 6.04 -2.67 -6.90
N ALA A 10 7.08 -3.43 -6.52
CA ALA A 10 6.89 -4.62 -5.71
C ALA A 10 6.46 -4.24 -4.30
N ALA A 11 6.80 -3.00 -3.91
CA ALA A 11 6.45 -2.50 -2.59
C ALA A 11 4.97 -2.14 -2.52
N ALA A 12 4.54 -1.24 -3.40
CA ALA A 12 3.15 -0.81 -3.43
C ALA A 12 2.18 -1.99 -3.44
N ALA A 13 2.67 -3.15 -3.87
CA ALA A 13 1.86 -4.36 -3.93
C ALA A 13 1.82 -5.08 -2.57
N PHE A 14 2.98 -5.16 -1.92
CA PHE A 14 3.08 -5.83 -0.63
C PHE A 14 2.58 -4.92 0.50
N VAL A 15 3.10 -3.70 0.52
CA VAL A 15 2.71 -2.72 1.54
C VAL A 15 1.19 -2.53 1.58
N LEU A 16 0.53 -2.82 0.47
CA LEU A 16 -0.92 -2.68 0.37
C LEU A 16 -1.63 -3.53 1.42
N LEU A 17 -1.01 -4.63 1.82
CA LEU A 17 -1.60 -5.52 2.81
C LEU A 17 -1.78 -4.83 4.16
N PHE A 18 -0.98 -3.80 4.42
CA PHE A 18 -1.08 -3.06 5.67
C PHE A 18 -2.14 -1.97 5.57
N PHE A 19 -2.31 -1.41 4.38
CA PHE A 19 -3.29 -0.35 4.16
C PHE A 19 -4.70 -0.91 4.07
N VAL A 20 -4.82 -2.15 3.63
CA VAL A 20 -6.13 -2.79 3.50
C VAL A 20 -6.66 -3.23 4.87
N GLY A 21 -5.74 -3.51 5.79
CA GLY A 21 -6.14 -3.94 7.12
C GLY A 21 -6.63 -2.78 7.98
N CYS A 22 -6.15 -1.58 7.68
CA CYS A 22 -6.55 -0.40 8.43
C CYS A 22 -7.99 -0.02 8.13
N GLY A 23 -8.48 -0.44 6.96
CA GLY A 23 -9.84 -0.14 6.58
C GLY A 23 -10.86 -0.81 7.47
N VAL A 24 -10.65 -2.10 7.73
CA VAL A 24 -11.56 -2.87 8.58
C VAL A 24 -11.21 -2.70 10.05
N LEU A 25 -9.97 -2.30 10.33
CA LEU A 25 -9.51 -2.08 11.69
C LEU A 25 -10.17 -0.85 12.31
N LEU A 26 -10.44 0.15 11.48
CA LEU A 26 -11.06 1.38 11.94
C LEU A 26 -12.58 1.27 11.93
N SER A 27 -13.09 0.36 11.09
CA SER A 27 -14.52 0.15 10.98
C SER A 27 -15.00 -0.85 12.02
N LYS A 28 -14.06 -1.43 12.76
CA LYS A 28 -14.38 -2.41 13.80
C LYS A 28 -14.19 -1.83 15.19
N LYS A 29 -13.36 -0.79 15.28
CA LYS A 29 -13.09 -0.14 16.57
C LYS A 29 -14.31 0.61 17.07
N LYS A 30 -14.50 0.61 18.39
CA LYS A 30 -15.63 1.29 19.00
C LYS A 30 -15.30 1.76 20.41
N LYS A 1 15.73 6.51 -11.39
CA LYS A 1 14.51 5.70 -11.17
C LYS A 1 14.77 4.22 -11.45
N LYS A 2 16.03 3.81 -11.28
CA LYS A 2 16.41 2.43 -11.52
C LYS A 2 15.74 1.50 -10.51
N LYS A 3 15.87 1.82 -9.23
CA LYS A 3 15.26 1.02 -8.17
C LYS A 3 13.78 1.34 -8.03
N LEU A 4 13.43 2.61 -8.18
CA LEU A 4 12.05 3.05 -8.07
C LEU A 4 11.18 2.31 -9.07
N HIS A 5 11.80 1.74 -10.11
CA HIS A 5 11.05 1.02 -11.13
C HIS A 5 10.56 -0.33 -10.61
N PHE A 6 11.48 -1.21 -10.23
CA PHE A 6 11.11 -2.53 -9.72
C PHE A 6 10.98 -2.56 -8.20
N MET A 7 12.05 -2.21 -7.51
CA MET A 7 12.07 -2.21 -6.05
C MET A 7 10.85 -1.52 -5.43
N TYR A 8 10.32 -0.54 -6.13
CA TYR A 8 9.17 0.21 -5.62
C TYR A 8 7.84 -0.46 -5.97
N VAL A 9 7.67 -0.85 -7.24
CA VAL A 9 6.43 -1.50 -7.67
C VAL A 9 6.16 -2.74 -6.84
N ALA A 10 7.23 -3.44 -6.47
CA ALA A 10 7.11 -4.65 -5.65
C ALA A 10 6.62 -4.28 -4.26
N ALA A 11 6.89 -3.05 -3.85
CA ALA A 11 6.47 -2.57 -2.54
C ALA A 11 4.98 -2.28 -2.52
N ALA A 12 4.55 -1.37 -3.40
CA ALA A 12 3.14 -0.99 -3.48
C ALA A 12 2.22 -2.20 -3.49
N ALA A 13 2.76 -3.36 -3.88
CA ALA A 13 1.98 -4.59 -3.93
C ALA A 13 1.95 -5.27 -2.56
N PHE A 14 3.11 -5.36 -1.92
CA PHE A 14 3.21 -6.00 -0.60
C PHE A 14 2.65 -5.09 0.48
N VAL A 15 3.11 -3.84 0.50
CA VAL A 15 2.64 -2.87 1.48
C VAL A 15 1.12 -2.77 1.46
N LEU A 16 0.55 -2.96 0.27
CA LEU A 16 -0.90 -2.91 0.10
C LEU A 16 -1.58 -3.97 0.97
N LEU A 17 -0.90 -5.10 1.11
CA LEU A 17 -1.40 -6.22 1.90
C LEU A 17 -1.79 -5.78 3.31
N PHE A 18 -1.19 -4.69 3.78
CA PHE A 18 -1.48 -4.16 5.11
C PHE A 18 -2.65 -3.18 5.05
N PHE A 19 -2.75 -2.45 3.95
CA PHE A 19 -3.80 -1.45 3.76
C PHE A 19 -5.11 -2.07 3.30
N VAL A 20 -5.04 -3.25 2.68
CA VAL A 20 -6.24 -3.93 2.19
C VAL A 20 -7.20 -4.24 3.33
N GLY A 21 -6.67 -4.31 4.54
CA GLY A 21 -7.51 -4.60 5.70
C GLY A 21 -8.14 -3.35 6.27
N CYS A 22 -7.46 -2.22 6.13
CA CYS A 22 -7.96 -0.95 6.64
C CYS A 22 -9.17 -0.47 5.84
N GLY A 23 -9.34 -1.03 4.64
CA GLY A 23 -10.46 -0.65 3.79
C GLY A 23 -11.81 -0.75 4.48
N VAL A 24 -11.90 -1.63 5.48
CA VAL A 24 -13.15 -1.82 6.21
C VAL A 24 -13.55 -0.55 6.96
N LEU A 25 -12.55 0.23 7.36
CA LEU A 25 -12.79 1.47 8.10
C LEU A 25 -13.44 2.53 7.20
N LEU A 26 -13.17 2.44 5.90
CA LEU A 26 -13.73 3.39 4.94
C LEU A 26 -15.24 3.26 4.85
N SER A 27 -15.76 2.07 5.13
CA SER A 27 -17.20 1.82 5.08
C SER A 27 -17.87 2.18 6.41
N LYS A 28 -17.11 2.11 7.49
CA LYS A 28 -17.64 2.43 8.81
C LYS A 28 -17.82 3.93 8.99
N LYS A 29 -16.83 4.70 8.57
CA LYS A 29 -16.89 6.16 8.69
C LYS A 29 -17.88 6.74 7.70
N LYS A 30 -18.28 5.94 6.71
CA LYS A 30 -19.24 6.39 5.70
C LYS A 30 -20.06 5.21 5.19
#